data_3IG8
#
_entry.id   3IG8
#
_cell.length_a   117.849
_cell.length_b   117.849
_cell.length_c   164.444
_cell.angle_alpha   90.00
_cell.angle_beta   90.00
_cell.angle_gamma   90.00
#
_symmetry.space_group_name_H-M   'P 43 21 2'
#
loop_
_entity.id
_entity.type
_entity.pdbx_description
1 polymer 'Glutamate-cysteine ligase'
2 non-polymer 'GLUTAMIC ACID'
3 non-polymer "ADENOSINE-5'-DIPHOSPHATE"
4 non-polymer 'MAGNESIUM ION'
5 non-polymer 'TRIETHYLENE GLYCOL'
6 water water
#
_entity_poly.entity_id   1
_entity_poly.type   'polypeptide(L)'
_entity_poly.pdbx_seq_one_letter_code
;MGLLALGTPLQWFESRTYNEHIRDEGIEQLLYIFQAAGKRDNDPLFWGDELEYMVVDFDDKERNSMLDVCHDKILTELNM
EDSSLCEANDVSFHPEYGRYMLEATPASPYLNYVGSYVEVNMQKRRAIAEYKLSEYARQDSKNNLHVGSRSVPLTLTVFP
RMGCPDFINIKDPWNHKNAASRSLFLPDEVINRHVRFPNLTASIRTRRGEKVCMNVPMYKDIATPETDDSIYDRDWFLPE
DKEAKLASKPGFIYMDSMGFGMGCSCLQVTFQAPNINKARYLYDALVNFAPIMLAFSAAAPAFKGWLADQDVRWNVISGA
VDDRTPKERGVAPLLPKYNKNGFGGIAKDVQDKVLEIPKSRYSSVDLFLGGSKFFNRTYNDTNVPINEKVLGRLLENDKA
PLDYDLAKHFAHLYIRDPVSTFEELLNQDNKTSSNHFENIQSTNWQTLRFKPPTQQATPDKKDSPGWRVEFRPFEVQLLD
FENAAYSVLIYLIVDSILTFSDNINAYIHMSKVWENMKIAHHRDAILFEKFHWKKSFRNDTDVETEDYSISEIFHNPENG
IFPQFVTPILCQKGFVTKDWKELKHSSKHERLYYYLKLISDRASGELPTTAKFFRNFVLQHPDYKHDSKISKSINYDLLS
TCDRLTHLDDSKGELTSFLGAEIAEYVKKNKPSIESKCDKLAAALGHHHHHH
;
_entity_poly.pdbx_strand_id   A
#
# COMPACT_ATOMS: atom_id res chain seq x y z
N GLY A 2 0.27 9.20 -15.95
CA GLY A 2 0.07 8.33 -17.15
C GLY A 2 -1.03 7.29 -16.92
N LEU A 3 -2.03 7.30 -17.79
CA LEU A 3 -3.14 6.32 -17.82
C LEU A 3 -2.68 4.98 -18.43
N LEU A 4 -3.11 3.86 -17.83
CA LEU A 4 -2.79 2.50 -18.34
C LEU A 4 -3.41 2.22 -19.73
N ALA A 5 -2.54 1.92 -20.73
CA ALA A 5 -2.94 1.64 -22.14
C ALA A 5 -3.53 0.21 -22.37
N LEU A 6 -4.63 0.12 -23.13
CA LEU A 6 -5.45 -1.13 -23.24
C LEU A 6 -4.92 -2.31 -24.12
N GLY A 7 -5.74 -3.38 -24.20
CA GLY A 7 -5.43 -4.59 -24.95
C GLY A 7 -6.40 -5.72 -24.67
N THR A 8 -6.24 -6.82 -25.40
CA THR A 8 -7.09 -8.01 -25.26
C THR A 8 -6.66 -8.78 -23.98
N PRO A 9 -7.46 -8.69 -22.89
CA PRO A 9 -7.08 -9.42 -21.67
C PRO A 9 -7.33 -10.92 -21.82
N LEU A 10 -6.61 -11.74 -21.08
CA LEU A 10 -6.77 -13.19 -21.19
C LEU A 10 -7.33 -13.72 -19.91
N GLN A 11 -8.39 -14.51 -19.97
CA GLN A 11 -8.99 -15.00 -18.75
C GLN A 11 -8.20 -16.22 -18.33
N TRP A 12 -8.34 -16.65 -17.08
CA TRP A 12 -7.37 -17.58 -16.47
C TRP A 12 -7.16 -18.93 -17.19
N PHE A 13 -8.26 -19.58 -17.53
CA PHE A 13 -8.23 -20.82 -18.32
C PHE A 13 -7.45 -20.70 -19.63
N GLU A 14 -7.61 -19.56 -20.30
CA GLU A 14 -6.88 -19.28 -21.55
C GLU A 14 -5.43 -18.88 -21.32
N SER A 15 -5.13 -18.28 -20.16
CA SER A 15 -3.82 -17.62 -19.90
C SER A 15 -2.81 -18.58 -19.31
N ARG A 16 -3.32 -19.40 -18.40
CA ARG A 16 -2.49 -20.21 -17.53
C ARG A 16 -1.58 -21.13 -18.32
N THR A 17 -1.84 -21.24 -19.62
CA THR A 17 -1.03 -22.13 -20.50
C THR A 17 0.29 -21.43 -20.85
N TYR A 18 0.43 -20.18 -20.46
CA TYR A 18 1.63 -19.41 -20.80
C TYR A 18 2.46 -19.03 -19.61
N ASN A 19 1.92 -19.25 -18.42
CA ASN A 19 2.67 -19.05 -17.19
C ASN A 19 4.12 -19.32 -17.39
N GLU A 20 4.46 -20.47 -17.97
CA GLU A 20 5.87 -20.80 -18.07
C GLU A 20 6.59 -19.97 -19.14
N HIS A 21 5.88 -19.69 -20.24
CA HIS A 21 6.47 -18.91 -21.33
C HIS A 21 6.80 -17.52 -20.78
N ILE A 22 5.85 -16.97 -20.00
CA ILE A 22 5.98 -15.63 -19.44
C ILE A 22 7.16 -15.51 -18.44
N ARG A 23 7.19 -16.40 -17.47
CA ARG A 23 8.32 -16.52 -16.59
C ARG A 23 9.68 -16.64 -17.33
N ASP A 24 9.81 -17.55 -18.31
CA ASP A 24 11.09 -17.65 -18.99
C ASP A 24 11.47 -16.35 -19.66
N GLU A 25 10.54 -15.83 -20.42
CA GLU A 25 10.82 -14.67 -21.25
C GLU A 25 11.19 -13.49 -20.35
N GLY A 26 10.56 -13.45 -19.17
CA GLY A 26 10.71 -12.34 -18.23
C GLY A 26 12.06 -12.35 -17.58
N ILE A 27 12.55 -13.53 -17.23
CA ILE A 27 13.89 -13.69 -16.69
C ILE A 27 14.89 -13.20 -17.71
N GLU A 28 14.78 -13.74 -18.92
CA GLU A 28 15.56 -13.19 -20.02
C GLU A 28 15.58 -11.68 -19.97
N GLN A 29 14.42 -11.04 -20.00
CA GLN A 29 14.39 -9.57 -19.93
C GLN A 29 15.16 -9.05 -18.68
N LEU A 30 14.93 -9.66 -17.52
CA LEU A 30 15.68 -9.30 -16.31
C LEU A 30 17.17 -9.30 -16.65
N LEU A 31 17.69 -10.44 -17.07
CA LEU A 31 19.06 -10.50 -17.54
C LEU A 31 19.52 -9.27 -18.38
N TYR A 32 18.76 -8.87 -19.42
CA TYR A 32 19.16 -7.69 -20.25
C TYR A 32 19.25 -6.39 -19.46
N ILE A 33 18.21 -6.14 -18.63
CA ILE A 33 18.18 -5.03 -17.69
C ILE A 33 19.48 -5.01 -16.93
N PHE A 34 19.86 -6.16 -16.35
CA PHE A 34 21.15 -6.23 -15.62
C PHE A 34 22.37 -5.96 -16.48
N GLN A 35 22.38 -6.54 -17.68
CA GLN A 35 23.54 -6.45 -18.52
C GLN A 35 23.73 -5.03 -18.96
N ALA A 36 22.64 -4.32 -19.14
CA ALA A 36 22.71 -2.96 -19.60
C ALA A 36 22.88 -1.95 -18.48
N ALA A 37 22.29 -2.22 -17.31
CA ALA A 37 22.19 -1.17 -16.29
C ALA A 37 22.89 -1.55 -15.00
N GLY A 38 23.24 -2.83 -14.88
CA GLY A 38 24.00 -3.32 -13.76
C GLY A 38 25.10 -2.39 -13.29
N LYS A 39 25.88 -1.85 -14.22
CA LYS A 39 27.00 -0.96 -13.88
C LYS A 39 26.72 0.53 -13.78
N ARG A 40 25.46 0.97 -13.76
CA ARG A 40 25.20 2.39 -13.41
C ARG A 40 25.83 2.70 -12.07
N ASP A 41 26.43 3.89 -11.96
CA ASP A 41 26.95 4.39 -10.70
C ASP A 41 26.63 5.86 -10.55
N ASN A 42 26.72 6.39 -9.32
CA ASN A 42 26.54 7.83 -9.08
C ASN A 42 25.17 8.44 -9.40
N ASP A 43 24.16 7.59 -9.64
CA ASP A 43 22.80 8.08 -9.80
C ASP A 43 22.44 8.98 -8.61
N PRO A 44 21.81 10.09 -8.91
CA PRO A 44 21.52 10.91 -7.73
C PRO A 44 20.25 10.44 -6.95
N LEU A 45 20.13 10.94 -5.74
CA LEU A 45 19.00 10.65 -4.90
C LEU A 45 17.71 11.40 -5.37
N PHE A 46 17.12 10.90 -6.47
CA PHE A 46 15.74 11.29 -6.85
C PHE A 46 14.79 10.44 -6.05
N TRP A 47 13.62 10.98 -5.77
CA TRP A 47 12.63 10.25 -4.98
C TRP A 47 11.30 10.94 -5.14
N GLY A 48 10.22 10.27 -4.73
CA GLY A 48 8.89 10.80 -4.89
C GLY A 48 7.92 9.92 -4.15
N ASP A 49 6.79 10.51 -3.79
CA ASP A 49 5.69 9.81 -3.21
C ASP A 49 4.56 9.45 -4.21
N GLU A 50 3.76 8.47 -3.82
CA GLU A 50 2.52 8.10 -4.47
C GLU A 50 1.38 8.24 -3.45
N LEU A 51 0.35 9.01 -3.80
CA LEU A 51 -0.80 9.15 -2.93
C LEU A 51 -1.98 8.51 -3.56
N GLU A 52 -2.89 8.04 -2.73
CA GLU A 52 -4.08 7.36 -3.18
C GLU A 52 -5.24 7.98 -2.47
N TYR A 53 -6.31 8.13 -3.21
CA TYR A 53 -7.44 8.95 -2.83
C TYR A 53 -8.73 8.24 -3.13
N MET A 54 -9.75 8.65 -2.41
CA MET A 54 -11.06 8.04 -2.53
C MET A 54 -12.06 9.12 -2.76
N VAL A 55 -12.81 9.09 -3.86
CA VAL A 55 -13.82 10.14 -4.12
C VAL A 55 -15.12 9.73 -3.40
N VAL A 56 -15.54 10.57 -2.46
CA VAL A 56 -16.63 10.28 -1.56
C VAL A 56 -17.74 11.26 -1.95
N ASP A 57 -18.94 10.75 -2.10
CA ASP A 57 -20.09 11.58 -2.45
C ASP A 57 -20.87 11.79 -1.18
N PHE A 58 -20.83 13.00 -0.62
CA PHE A 58 -21.73 13.37 0.50
C PHE A 58 -23.09 13.75 0.01
N ASP A 59 -24.05 12.94 0.42
CA ASP A 59 -25.45 13.22 0.16
C ASP A 59 -25.98 13.80 1.45
N ASP A 60 -25.79 15.10 1.62
CA ASP A 60 -26.07 15.73 2.88
C ASP A 60 -27.50 15.60 3.27
N LYS A 61 -28.39 15.80 2.34
CA LYS A 61 -29.83 15.69 2.62
C LYS A 61 -30.18 14.27 3.14
N GLU A 62 -29.65 13.22 2.52
CA GLU A 62 -29.87 11.86 3.05
C GLU A 62 -29.05 11.47 4.27
N ARG A 63 -28.13 12.32 4.71
CA ARG A 63 -27.11 11.94 5.70
C ARG A 63 -26.37 10.63 5.37
N ASN A 64 -25.79 10.61 4.18
CA ASN A 64 -25.15 9.42 3.65
C ASN A 64 -23.84 9.73 2.89
N SER A 65 -22.76 9.07 3.28
CA SER A 65 -21.49 9.23 2.53
C SER A 65 -21.28 7.99 1.73
N MET A 66 -21.10 8.19 0.45
CA MET A 66 -20.91 7.06 -0.41
C MET A 66 -19.58 7.20 -1.14
N LEU A 67 -19.17 6.09 -1.71
CA LEU A 67 -18.06 6.11 -2.63
C LEU A 67 -18.61 6.50 -3.99
N ASP A 68 -17.97 7.47 -4.62
CA ASP A 68 -18.44 7.92 -5.90
C ASP A 68 -17.81 7.14 -7.05
N VAL A 69 -18.59 6.25 -7.66
CA VAL A 69 -18.14 5.44 -8.79
C VAL A 69 -18.52 6.00 -10.15
N CYS A 70 -18.90 7.26 -10.18
CA CYS A 70 -19.40 7.86 -11.42
C CYS A 70 -18.55 8.99 -12.02
N HIS A 71 -17.62 9.55 -11.27
CA HIS A 71 -16.82 10.57 -11.86
C HIS A 71 -15.43 10.00 -12.17
N ASP A 72 -15.40 8.79 -12.69
CA ASP A 72 -14.12 8.16 -12.97
C ASP A 72 -13.45 8.58 -14.28
N LYS A 73 -14.11 9.40 -15.08
CA LYS A 73 -13.58 9.92 -16.30
C LYS A 73 -12.44 10.90 -16.00
N ILE A 74 -12.47 11.45 -14.79
CA ILE A 74 -11.43 12.32 -14.31
C ILE A 74 -10.02 11.83 -14.65
N LEU A 75 -9.80 10.51 -14.57
CA LEU A 75 -8.48 9.92 -14.75
C LEU A 75 -8.08 9.96 -16.16
N THR A 76 -9.04 10.02 -17.07
CA THR A 76 -8.74 10.17 -18.50
C THR A 76 -8.65 11.62 -18.83
N GLU A 77 -9.52 12.39 -18.22
CA GLU A 77 -9.46 13.79 -18.52
C GLU A 77 -8.12 14.40 -18.12
N LEU A 78 -7.72 14.22 -16.88
CA LEU A 78 -6.42 14.69 -16.47
C LEU A 78 -5.27 14.12 -17.29
N ASN A 79 -5.53 13.11 -18.11
CA ASN A 79 -4.42 12.52 -18.91
C ASN A 79 -4.56 12.79 -20.41
N MET A 80 -5.63 13.47 -20.81
CA MET A 80 -5.79 13.92 -22.19
C MET A 80 -5.86 15.44 -22.18
N GLU A 81 -7.06 15.98 -22.28
CA GLU A 81 -7.16 17.40 -22.50
C GLU A 81 -6.62 18.20 -21.33
N ASP A 82 -6.55 17.56 -20.16
CA ASP A 82 -6.02 18.25 -19.00
C ASP A 82 -4.64 17.80 -18.54
N SER A 83 -3.97 17.01 -19.34
CA SER A 83 -2.63 16.59 -19.03
C SER A 83 -1.67 17.78 -18.99
N SER A 84 -2.04 18.89 -19.62
CA SER A 84 -1.23 20.11 -19.60
C SER A 84 -1.40 20.87 -18.29
N LEU A 85 -2.61 20.92 -17.72
CA LEU A 85 -2.75 21.52 -16.41
C LEU A 85 -1.80 20.83 -15.49
N CYS A 86 -1.75 19.49 -15.63
CA CYS A 86 -1.01 18.68 -14.72
C CYS A 86 0.45 19.04 -14.79
N GLU A 87 0.91 19.19 -16.01
CA GLU A 87 2.32 19.29 -16.25
C GLU A 87 2.81 20.60 -15.80
N ALA A 88 2.19 21.67 -16.26
CA ALA A 88 2.38 22.98 -15.67
C ALA A 88 2.55 22.93 -14.14
N ASN A 89 1.96 21.94 -13.50
CA ASN A 89 1.85 22.00 -12.09
C ASN A 89 2.66 20.94 -11.42
N ASP A 90 3.38 20.19 -12.27
CA ASP A 90 4.23 19.14 -11.79
C ASP A 90 3.49 18.00 -11.06
N VAL A 91 2.30 17.64 -11.54
CA VAL A 91 1.59 16.51 -10.98
C VAL A 91 1.21 15.55 -12.08
N SER A 92 0.93 14.32 -11.69
CA SER A 92 0.61 13.27 -12.61
C SER A 92 -0.48 12.35 -12.01
N PHE A 93 -1.53 11.97 -12.77
CA PHE A 93 -2.57 11.06 -12.24
C PHE A 93 -2.59 9.71 -12.94
N HIS A 94 -2.81 8.63 -12.16
CA HIS A 94 -2.93 7.26 -12.68
C HIS A 94 -4.10 6.60 -12.03
N PRO A 95 -4.61 5.53 -12.67
CA PRO A 95 -5.77 4.77 -12.22
C PRO A 95 -5.32 3.75 -11.17
N GLU A 96 -6.26 3.39 -10.30
CA GLU A 96 -6.04 2.40 -9.26
C GLU A 96 -7.19 1.35 -9.30
N TYR A 97 -7.04 0.24 -8.55
CA TYR A 97 -8.07 -0.78 -8.53
C TYR A 97 -9.47 -0.19 -8.45
N GLY A 98 -9.71 0.69 -7.47
CA GLY A 98 -11.07 1.23 -7.20
C GLY A 98 -11.57 2.24 -8.25
N ARG A 99 -12.76 2.03 -8.74
CA ARG A 99 -13.37 3.00 -9.65
C ARG A 99 -13.53 4.38 -8.98
N TYR A 100 -13.57 4.42 -7.66
CA TYR A 100 -13.75 5.65 -6.92
C TYR A 100 -12.38 6.21 -6.48
N MET A 101 -11.32 5.58 -6.97
CA MET A 101 -10.00 5.89 -6.48
C MET A 101 -9.23 6.71 -7.45
N LEU A 102 -8.46 7.63 -6.88
CA LEU A 102 -7.46 8.37 -7.61
C LEU A 102 -6.08 8.02 -7.09
N GLU A 103 -5.10 8.01 -7.98
CA GLU A 103 -3.70 8.05 -7.57
C GLU A 103 -2.90 9.17 -8.30
N ALA A 104 -1.96 9.77 -7.56
CA ALA A 104 -1.28 10.96 -8.06
C ALA A 104 0.13 11.08 -7.48
N THR A 105 1.05 11.59 -8.29
CA THR A 105 2.45 11.73 -7.89
C THR A 105 2.96 13.09 -8.38
N PRO A 106 4.13 13.54 -7.89
CA PRO A 106 4.74 14.65 -8.61
C PRO A 106 5.02 14.23 -10.08
N ALA A 107 5.09 15.15 -11.03
CA ALA A 107 5.34 14.72 -12.43
C ALA A 107 6.81 14.33 -12.64
N SER A 108 7.65 14.96 -11.84
CA SER A 108 9.09 14.70 -11.78
C SER A 108 9.50 14.37 -10.36
N PRO A 109 10.45 13.43 -10.17
CA PRO A 109 10.88 13.13 -8.79
C PRO A 109 11.54 14.35 -8.19
N TYR A 110 11.37 14.54 -6.88
CA TYR A 110 12.18 15.43 -6.11
C TYR A 110 13.65 15.04 -6.16
N LEU A 111 14.53 16.05 -6.06
CA LEU A 111 15.97 15.78 -6.01
C LEU A 111 16.46 16.20 -4.65
N ASN A 112 16.95 15.25 -3.85
CA ASN A 112 17.43 15.48 -2.46
C ASN A 112 16.38 16.12 -1.59
N TYR A 113 16.78 16.98 -0.66
CA TYR A 113 15.85 17.59 0.26
C TYR A 113 15.12 18.77 -0.38
N VAL A 114 13.79 18.70 -0.45
CA VAL A 114 13.05 19.72 -1.19
C VAL A 114 12.10 20.44 -0.24
N GLY A 115 12.24 20.15 1.05
CA GLY A 115 11.58 20.92 2.11
C GLY A 115 10.10 20.68 2.14
N SER A 116 9.35 21.79 2.20
CA SER A 116 7.88 21.83 2.12
C SER A 116 7.36 21.59 0.70
N TYR A 117 8.25 21.37 -0.25
CA TYR A 117 7.74 21.27 -1.60
C TYR A 117 6.90 20.00 -1.79
N VAL A 118 7.19 18.97 -0.97
CA VAL A 118 6.38 17.76 -1.00
C VAL A 118 4.93 18.16 -0.76
N GLU A 119 4.70 18.89 0.31
CA GLU A 119 3.37 19.18 0.74
C GLU A 119 2.69 20.04 -0.32
N VAL A 120 3.37 21.10 -0.73
CA VAL A 120 2.98 21.92 -1.88
C VAL A 120 2.54 21.04 -3.05
N ASN A 121 3.41 20.18 -3.50
CA ASN A 121 3.04 19.34 -4.61
C ASN A 121 1.79 18.47 -4.29
N MET A 122 1.69 17.91 -3.08
CA MET A 122 0.51 17.09 -2.74
C MET A 122 -0.76 17.94 -2.74
N GLN A 123 -0.64 19.19 -2.29
CA GLN A 123 -1.80 20.07 -2.28
C GLN A 123 -2.29 20.44 -3.68
N LYS A 124 -1.36 20.54 -4.62
CA LYS A 124 -1.70 20.84 -5.98
C LYS A 124 -2.45 19.64 -6.55
N ARG A 125 -1.96 18.42 -6.21
CA ARG A 125 -2.69 17.21 -6.60
C ARG A 125 -4.14 17.27 -6.06
N ARG A 126 -4.31 17.65 -4.82
CA ARG A 126 -5.63 17.64 -4.25
C ARG A 126 -6.50 18.72 -4.92
N ALA A 127 -5.88 19.88 -5.19
CA ALA A 127 -6.65 21.02 -5.70
C ALA A 127 -7.21 20.74 -7.11
N ILE A 128 -6.34 20.26 -7.98
CA ILE A 128 -6.74 19.73 -9.25
C ILE A 128 -7.86 18.69 -9.15
N ALA A 129 -7.76 17.66 -8.33
CA ALA A 129 -8.93 16.77 -8.28
C ALA A 129 -10.20 17.57 -7.90
N GLU A 130 -10.06 18.50 -6.97
CA GLU A 130 -11.26 19.20 -6.43
C GLU A 130 -11.82 20.05 -7.49
N TYR A 131 -10.91 20.74 -8.18
CA TYR A 131 -11.26 21.55 -9.32
C TYR A 131 -12.16 20.82 -10.37
N LYS A 132 -11.65 19.70 -10.95
CA LYS A 132 -12.36 18.85 -11.88
C LYS A 132 -13.65 18.40 -11.27
N LEU A 133 -13.63 18.08 -10.00
CA LEU A 133 -14.88 17.69 -9.39
C LEU A 133 -15.89 18.84 -9.40
N SER A 134 -15.44 20.06 -9.22
CA SER A 134 -16.42 21.13 -9.08
C SER A 134 -16.99 21.39 -10.48
N GLU A 135 -16.10 21.29 -11.47
CA GLU A 135 -16.50 21.24 -12.87
C GLU A 135 -17.64 20.23 -13.14
N TYR A 136 -17.44 18.98 -12.73
CA TYR A 136 -18.44 17.94 -12.93
C TYR A 136 -19.67 18.37 -12.19
N ALA A 137 -19.51 18.99 -11.06
CA ALA A 137 -20.66 19.34 -10.26
C ALA A 137 -21.45 20.37 -11.04
N ARG A 138 -20.76 21.20 -11.80
CA ARG A 138 -21.40 22.29 -12.54
C ARG A 138 -22.15 21.79 -13.76
N GLN A 139 -21.46 20.95 -14.54
CA GLN A 139 -22.01 20.23 -15.66
C GLN A 139 -23.22 19.42 -15.19
N ASP A 140 -23.03 18.65 -14.11
CA ASP A 140 -24.08 17.75 -13.62
C ASP A 140 -25.30 18.55 -13.30
N SER A 141 -25.11 19.68 -12.66
CA SER A 141 -26.23 20.52 -12.27
C SER A 141 -27.10 20.91 -13.47
N LYS A 142 -26.44 21.41 -14.51
CA LYS A 142 -27.04 21.69 -15.79
C LYS A 142 -27.62 20.43 -16.47
N ASN A 143 -27.09 19.23 -16.24
CA ASN A 143 -27.67 18.03 -16.88
C ASN A 143 -28.67 17.29 -15.99
N ASN A 144 -28.99 17.93 -14.87
CA ASN A 144 -29.79 17.34 -13.82
C ASN A 144 -29.37 15.90 -13.41
N LEU A 145 -28.21 15.78 -12.76
CA LEU A 145 -27.63 14.50 -12.36
C LEU A 145 -27.11 14.63 -10.93
N HIS A 146 -26.78 13.50 -10.31
CA HIS A 146 -26.45 13.47 -8.87
C HIS A 146 -26.90 14.76 -8.15
N VAL A 147 -28.23 14.98 -8.06
CA VAL A 147 -28.78 16.13 -7.34
C VAL A 147 -28.61 15.91 -5.84
N GLY A 148 -28.32 16.99 -5.12
CA GLY A 148 -28.06 16.95 -3.67
C GLY A 148 -26.68 16.36 -3.32
N SER A 149 -25.79 16.28 -4.32
CA SER A 149 -24.55 15.55 -4.17
C SER A 149 -23.30 16.40 -4.14
N ARG A 150 -22.36 15.99 -3.34
CA ARG A 150 -21.18 16.79 -3.15
C ARG A 150 -19.98 15.81 -3.12
N SER A 151 -19.18 15.79 -4.19
CA SER A 151 -18.06 14.87 -4.24
C SER A 151 -16.77 15.48 -3.73
N VAL A 152 -16.08 14.74 -2.84
CA VAL A 152 -14.84 15.20 -2.28
C VAL A 152 -13.80 14.11 -2.29
N PRO A 153 -12.51 14.44 -2.60
CA PRO A 153 -11.48 13.39 -2.51
C PRO A 153 -10.90 13.42 -1.11
N LEU A 154 -10.91 12.24 -0.51
CA LEU A 154 -10.40 12.03 0.81
C LEU A 154 -9.33 10.95 0.74
N THR A 155 -8.22 11.22 1.41
CA THR A 155 -7.17 10.24 1.51
C THR A 155 -7.51 9.43 2.76
N LEU A 156 -8.48 8.54 2.62
CA LEU A 156 -8.82 7.55 3.64
C LEU A 156 -8.03 6.30 3.26
N THR A 157 -7.65 5.51 4.28
CA THR A 157 -6.98 4.23 4.07
C THR A 157 -8.06 3.21 3.68
N VAL A 158 -9.10 3.22 4.49
CA VAL A 158 -10.22 2.33 4.30
C VAL A 158 -11.48 3.19 4.18
N PHE A 159 -12.39 2.76 3.32
CA PHE A 159 -13.77 3.30 3.37
C PHE A 159 -14.65 2.47 4.34
N PRO A 160 -15.07 3.08 5.43
CA PRO A 160 -15.60 2.40 6.59
C PRO A 160 -16.86 1.61 6.30
N ARG A 161 -17.62 2.00 5.28
CA ARG A 161 -18.85 1.24 4.99
C ARG A 161 -18.78 0.41 3.70
N MET A 162 -17.60 -0.16 3.44
CA MET A 162 -17.37 -0.82 2.16
C MET A 162 -18.29 -2.00 2.10
N GLY A 163 -18.93 -2.19 0.94
CA GLY A 163 -19.84 -3.34 0.72
C GLY A 163 -21.05 -3.41 1.64
N CYS A 164 -21.42 -2.28 2.21
CA CYS A 164 -22.52 -2.16 3.12
C CYS A 164 -23.68 -1.55 2.34
N PRO A 165 -24.91 -1.65 2.87
CA PRO A 165 -25.97 -1.04 2.04
C PRO A 165 -25.82 0.51 1.78
N ASP A 166 -26.13 0.88 0.53
CA ASP A 166 -26.16 2.27 0.06
C ASP A 166 -24.84 2.98 0.18
N PHE A 167 -23.75 2.24 -0.07
CA PHE A 167 -22.39 2.74 0.07
C PHE A 167 -21.82 3.23 -1.25
N ILE A 168 -22.44 2.86 -2.36
CA ILE A 168 -22.13 3.52 -3.65
C ILE A 168 -23.28 4.32 -4.27
N ASN A 169 -22.92 5.39 -4.95
CA ASN A 169 -23.88 6.33 -5.56
C ASN A 169 -24.41 5.82 -6.92
N ILE A 170 -24.96 4.63 -6.89
CA ILE A 170 -25.60 3.99 -8.01
C ILE A 170 -26.91 3.43 -7.43
N LYS A 171 -28.06 3.80 -8.01
CA LYS A 171 -29.36 3.25 -7.56
C LYS A 171 -29.43 1.75 -7.90
N ASP A 172 -29.83 0.93 -6.91
CA ASP A 172 -30.20 -0.48 -7.19
C ASP A 172 -29.10 -1.27 -7.98
N PRO A 173 -27.91 -1.35 -7.37
CA PRO A 173 -26.75 -1.89 -8.01
C PRO A 173 -26.81 -3.40 -8.08
N TRP A 174 -27.72 -4.00 -7.32
CA TRP A 174 -27.85 -5.46 -7.33
C TRP A 174 -28.88 -5.97 -8.35
N ASN A 175 -29.34 -5.11 -9.25
CA ASN A 175 -30.37 -5.54 -10.20
C ASN A 175 -29.79 -6.30 -11.38
N HIS A 176 -28.46 -6.46 -11.41
CA HIS A 176 -27.73 -7.30 -12.36
C HIS A 176 -26.68 -8.01 -11.52
N LYS A 177 -25.86 -8.85 -12.15
CA LYS A 177 -24.95 -9.71 -11.42
C LYS A 177 -23.55 -9.15 -11.56
N ASN A 178 -22.71 -9.39 -10.53
CA ASN A 178 -21.26 -9.04 -10.45
C ASN A 178 -20.40 -10.27 -10.75
N ALA A 179 -20.28 -10.58 -12.03
CA ALA A 179 -19.59 -11.78 -12.46
C ALA A 179 -18.08 -11.77 -12.17
N ALA A 180 -17.53 -10.62 -11.85
CA ALA A 180 -16.09 -10.54 -11.70
C ALA A 180 -15.68 -10.97 -10.29
N SER A 181 -16.23 -10.30 -9.28
CA SER A 181 -15.96 -10.71 -7.90
C SER A 181 -16.84 -11.86 -7.48
N ARG A 182 -18.10 -11.86 -7.95
CA ARG A 182 -19.11 -12.79 -7.44
C ARG A 182 -19.27 -12.57 -5.95
N SER A 183 -19.02 -11.34 -5.51
CA SER A 183 -19.01 -11.06 -4.11
C SER A 183 -20.42 -10.92 -3.56
N LEU A 184 -20.61 -11.35 -2.33
CA LEU A 184 -21.77 -11.00 -1.56
C LEU A 184 -22.02 -9.49 -1.38
N PHE A 185 -20.98 -8.67 -1.46
CA PHE A 185 -21.08 -7.29 -0.94
C PHE A 185 -20.64 -6.18 -1.88
N LEU A 186 -19.78 -6.49 -2.82
CA LEU A 186 -19.22 -5.49 -3.67
C LEU A 186 -19.69 -5.73 -5.07
N PRO A 187 -20.65 -4.94 -5.55
CA PRO A 187 -20.90 -4.96 -6.99
C PRO A 187 -19.64 -4.58 -7.74
N ASP A 188 -19.37 -5.28 -8.82
CA ASP A 188 -18.28 -4.98 -9.67
C ASP A 188 -18.10 -3.52 -10.09
N GLU A 189 -19.04 -2.65 -9.76
CA GLU A 189 -18.88 -1.24 -10.13
C GLU A 189 -17.85 -0.55 -9.25
N VAL A 190 -17.47 -1.20 -8.15
CA VAL A 190 -16.32 -0.76 -7.37
C VAL A 190 -15.03 -0.89 -8.16
N ILE A 191 -15.01 -1.69 -9.21
CA ILE A 191 -13.81 -1.87 -10.03
C ILE A 191 -13.62 -0.81 -11.11
N ASN A 192 -12.41 -0.25 -11.18
CA ASN A 192 -12.02 0.66 -12.26
C ASN A 192 -12.22 -0.02 -13.61
N ARG A 193 -12.69 0.76 -14.58
CA ARG A 193 -13.01 0.21 -15.91
C ARG A 193 -11.85 -0.43 -16.69
N HIS A 194 -10.62 0.02 -16.44
CA HIS A 194 -9.49 -0.49 -17.22
C HIS A 194 -9.44 -1.98 -17.04
N VAL A 195 -9.70 -2.69 -18.14
CA VAL A 195 -9.65 -4.18 -18.26
C VAL A 195 -8.75 -4.93 -17.23
N ARG A 196 -7.53 -4.44 -17.05
CA ARG A 196 -6.57 -5.05 -16.12
C ARG A 196 -7.19 -5.39 -14.80
N PHE A 197 -8.05 -4.49 -14.28
CA PHE A 197 -8.51 -4.64 -12.90
C PHE A 197 -9.55 -5.72 -12.73
N PRO A 198 -10.62 -5.69 -13.56
CA PRO A 198 -11.52 -6.86 -13.40
C PRO A 198 -10.84 -8.18 -13.83
N ASN A 199 -9.92 -8.12 -14.78
CA ASN A 199 -9.13 -9.29 -15.13
C ASN A 199 -8.43 -9.96 -13.94
N LEU A 200 -7.59 -9.17 -13.25
CA LEU A 200 -6.96 -9.62 -12.05
C LEU A 200 -7.97 -10.20 -11.10
N THR A 201 -9.16 -9.59 -11.03
CA THR A 201 -10.13 -9.95 -10.01
C THR A 201 -10.66 -11.33 -10.27
N ALA A 202 -10.92 -11.61 -11.54
CA ALA A 202 -11.41 -12.89 -12.05
C ALA A 202 -10.31 -13.95 -11.95
N SER A 203 -9.15 -13.65 -12.56
CA SER A 203 -8.06 -14.61 -12.64
C SER A 203 -7.68 -15.23 -11.31
N ILE A 204 -7.59 -14.40 -10.25
CA ILE A 204 -7.28 -14.88 -8.89
C ILE A 204 -8.38 -15.78 -8.33
N ARG A 205 -9.63 -15.40 -8.53
CA ARG A 205 -10.76 -16.16 -8.01
C ARG A 205 -10.73 -17.53 -8.67
N THR A 206 -10.65 -17.56 -10.00
CA THR A 206 -10.57 -18.82 -10.74
C THR A 206 -9.35 -19.64 -10.29
N ARG A 207 -8.16 -19.04 -10.31
CA ARG A 207 -6.97 -19.77 -9.94
C ARG A 207 -7.22 -20.39 -8.55
N ARG A 208 -7.42 -19.53 -7.56
CA ARG A 208 -7.82 -19.92 -6.20
C ARG A 208 -8.91 -21.00 -6.17
N GLY A 209 -9.98 -20.84 -6.97
CA GLY A 209 -11.14 -21.76 -6.94
C GLY A 209 -12.00 -21.54 -5.72
N GLU A 210 -11.87 -20.37 -5.10
CA GLU A 210 -12.77 -19.92 -4.04
C GLU A 210 -12.51 -18.45 -3.98
N LYS A 211 -13.55 -17.70 -3.62
CA LYS A 211 -13.40 -16.28 -3.42
C LYS A 211 -12.26 -16.11 -2.46
N VAL A 212 -11.53 -15.01 -2.59
CA VAL A 212 -10.56 -14.61 -1.57
C VAL A 212 -11.38 -14.48 -0.32
N CYS A 213 -10.73 -14.59 0.83
CA CYS A 213 -11.41 -14.56 2.10
C CYS A 213 -10.56 -13.86 3.17
N MET A 214 -11.04 -12.76 3.74
CA MET A 214 -10.26 -12.03 4.74
C MET A 214 -11.13 -11.87 5.98
N ASN A 215 -10.76 -12.54 7.07
CA ASN A 215 -11.45 -12.45 8.35
C ASN A 215 -10.75 -11.53 9.33
N VAL A 216 -11.46 -10.51 9.81
CA VAL A 216 -10.84 -9.52 10.63
C VAL A 216 -11.50 -9.49 11.97
N PRO A 217 -10.71 -9.64 13.02
CA PRO A 217 -11.35 -9.77 14.31
C PRO A 217 -12.26 -8.54 14.60
N MET A 218 -13.50 -8.80 14.98
CA MET A 218 -14.43 -7.75 15.31
C MET A 218 -14.06 -7.09 16.63
N TYR A 219 -14.45 -5.85 16.87
CA TYR A 219 -14.27 -5.31 18.21
C TYR A 219 -15.38 -5.86 19.13
N LYS A 220 -15.07 -6.05 20.42
CA LYS A 220 -15.99 -6.78 21.29
C LYS A 220 -16.75 -5.82 22.17
N ASP A 221 -17.63 -5.03 21.58
CA ASP A 221 -18.46 -4.21 22.44
C ASP A 221 -19.58 -5.04 23.13
N ILE A 222 -20.28 -4.38 24.06
CA ILE A 222 -21.20 -5.05 24.99
C ILE A 222 -22.33 -5.80 24.27
N ALA A 223 -22.89 -5.23 23.20
CA ALA A 223 -23.96 -5.89 22.44
C ALA A 223 -23.52 -6.38 21.08
N THR A 224 -22.22 -6.53 20.86
CA THR A 224 -21.77 -6.98 19.55
C THR A 224 -22.33 -8.37 19.22
N PRO A 225 -23.00 -8.51 18.07
CA PRO A 225 -23.43 -9.86 17.66
C PRO A 225 -22.31 -10.92 17.75
N GLU A 226 -22.69 -12.19 17.90
CA GLU A 226 -21.80 -13.36 17.92
C GLU A 226 -21.05 -13.52 16.61
N THR A 227 -21.79 -13.42 15.50
CA THR A 227 -21.19 -13.47 14.15
C THR A 227 -21.44 -12.15 13.41
N ASP A 228 -20.67 -11.96 12.34
CA ASP A 228 -20.92 -10.97 11.30
C ASP A 228 -22.28 -11.18 10.61
N ASP A 229 -23.31 -10.71 11.29
CA ASP A 229 -24.69 -10.91 10.87
C ASP A 229 -25.06 -10.27 9.54
N SER A 230 -24.09 -9.75 8.80
CA SER A 230 -24.41 -9.29 7.44
C SER A 230 -24.24 -10.40 6.38
N ILE A 231 -23.71 -11.56 6.80
CA ILE A 231 -23.60 -12.69 5.89
C ILE A 231 -25.01 -13.07 5.43
N TYR A 232 -25.21 -13.35 4.15
CA TYR A 232 -26.53 -13.78 3.72
C TYR A 232 -26.36 -14.88 2.68
N ASP A 233 -27.43 -15.58 2.35
CA ASP A 233 -27.28 -16.70 1.46
C ASP A 233 -27.74 -16.20 0.07
N ARG A 234 -27.25 -16.77 -1.02
CA ARG A 234 -27.62 -16.26 -2.34
C ARG A 234 -27.47 -17.32 -3.42
N ASP A 235 -28.11 -17.18 -4.58
CA ASP A 235 -27.97 -18.24 -5.61
C ASP A 235 -27.57 -17.75 -7.00
N TRP A 236 -26.94 -16.59 -7.08
CA TRP A 236 -26.32 -16.21 -8.34
C TRP A 236 -25.24 -17.19 -8.79
N PHE A 237 -24.35 -17.57 -7.89
CA PHE A 237 -23.06 -18.15 -8.29
C PHE A 237 -22.68 -19.42 -7.55
N LEU A 238 -22.20 -20.40 -8.32
CA LEU A 238 -21.70 -21.64 -7.72
C LEU A 238 -20.26 -21.83 -8.17
N PRO A 239 -19.35 -22.11 -7.22
CA PRO A 239 -19.56 -22.37 -5.78
C PRO A 239 -19.71 -21.17 -4.84
N GLU A 240 -19.29 -20.01 -5.30
CA GLU A 240 -19.11 -18.80 -4.46
C GLU A 240 -20.17 -18.50 -3.38
N ASP A 241 -21.45 -18.55 -3.76
CA ASP A 241 -22.52 -18.11 -2.87
C ASP A 241 -22.74 -19.04 -1.66
N LYS A 242 -22.26 -20.28 -1.83
CA LYS A 242 -22.25 -21.28 -0.78
C LYS A 242 -21.01 -21.22 0.13
N GLU A 243 -19.98 -20.46 -0.28
CA GLU A 243 -18.68 -20.41 0.42
C GLU A 243 -18.71 -19.73 1.79
N ALA A 244 -19.44 -18.63 1.87
CA ALA A 244 -19.56 -17.80 3.09
C ALA A 244 -19.79 -18.55 4.42
N LYS A 245 -20.66 -19.56 4.41
CA LYS A 245 -21.06 -20.25 5.65
C LYS A 245 -19.85 -20.99 6.22
N LEU A 246 -19.08 -21.56 5.28
CA LEU A 246 -17.85 -22.28 5.60
C LEU A 246 -16.64 -21.38 5.83
N ALA A 247 -16.48 -20.31 5.05
CA ALA A 247 -15.27 -19.51 5.17
C ALA A 247 -15.23 -18.53 6.36
N SER A 248 -16.39 -18.08 6.82
CA SER A 248 -16.48 -17.07 7.87
C SER A 248 -16.31 -17.64 9.25
N LYS A 249 -16.36 -16.80 10.28
CA LYS A 249 -16.01 -17.25 11.61
C LYS A 249 -16.63 -16.32 12.62
N PRO A 250 -17.24 -16.87 13.68
CA PRO A 250 -17.78 -15.98 14.77
C PRO A 250 -16.72 -15.02 15.32
N GLY A 251 -17.09 -13.78 15.63
CA GLY A 251 -16.16 -12.71 16.09
C GLY A 251 -15.17 -12.15 15.04
N PHE A 252 -15.50 -12.32 13.74
CA PHE A 252 -14.67 -11.89 12.62
C PHE A 252 -15.46 -11.20 11.51
N ILE A 253 -15.09 -9.96 11.21
CA ILE A 253 -15.59 -9.35 10.00
C ILE A 253 -15.28 -10.24 8.77
N TYR A 254 -16.32 -10.63 8.03
CA TYR A 254 -16.12 -11.41 6.81
C TYR A 254 -16.09 -10.53 5.54
N MET A 255 -15.05 -10.71 4.72
CA MET A 255 -14.85 -9.94 3.50
C MET A 255 -14.42 -10.93 2.47
N ASP A 256 -14.87 -10.75 1.23
CA ASP A 256 -14.78 -11.82 0.24
C ASP A 256 -14.53 -11.33 -1.20
N SER A 257 -13.73 -10.27 -1.33
CA SER A 257 -13.61 -9.58 -2.62
C SER A 257 -12.38 -8.72 -2.67
N MET A 258 -11.66 -8.74 -3.79
CA MET A 258 -10.47 -7.89 -4.00
C MET A 258 -10.54 -6.42 -3.56
N GLY A 259 -11.68 -5.78 -3.89
CA GLY A 259 -11.94 -4.39 -3.55
C GLY A 259 -11.88 -4.08 -2.06
N PHE A 260 -12.02 -5.10 -1.23
CA PHE A 260 -11.96 -4.86 0.20
C PHE A 260 -10.53 -4.51 0.56
N GLY A 261 -9.62 -5.00 -0.28
CA GLY A 261 -8.22 -4.79 -0.01
C GLY A 261 -7.62 -3.77 -0.94
N MET A 262 -7.69 -4.06 -2.22
CA MET A 262 -7.15 -3.13 -3.17
C MET A 262 -8.06 -1.91 -3.36
N GLY A 263 -9.26 -1.95 -2.81
CA GLY A 263 -10.03 -0.72 -2.61
C GLY A 263 -9.62 0.08 -1.39
N CYS A 264 -8.43 -0.18 -0.87
CA CYS A 264 -7.85 0.61 0.17
C CYS A 264 -6.67 1.39 -0.37
N SER A 265 -6.41 2.52 0.28
CA SER A 265 -5.39 3.50 -0.06
C SER A 265 -4.21 3.51 0.90
N CYS A 266 -3.04 3.89 0.40
CA CYS A 266 -1.85 3.99 1.22
C CYS A 266 -1.00 5.11 0.66
N LEU A 267 0.06 5.46 1.40
CA LEU A 267 1.12 6.37 0.95
C LEU A 267 2.33 5.52 0.54
N GLN A 268 2.99 5.78 -0.58
CA GLN A 268 4.17 5.01 -0.94
C GLN A 268 5.27 6.01 -1.26
N VAL A 269 6.53 5.65 -0.97
CA VAL A 269 7.65 6.53 -1.34
C VAL A 269 8.73 5.74 -2.07
N THR A 270 9.28 6.29 -3.16
CA THR A 270 10.28 5.58 -3.96
C THR A 270 11.56 6.40 -4.00
N PHE A 271 12.69 5.69 -3.97
CA PHE A 271 14.00 6.29 -3.82
C PHE A 271 15.04 5.66 -4.72
N GLN A 272 15.89 6.52 -5.27
CA GLN A 272 16.89 6.04 -6.17
C GLN A 272 18.22 6.05 -5.47
N ALA A 273 18.90 4.89 -5.44
CA ALA A 273 20.20 4.83 -4.84
C ALA A 273 21.32 5.08 -5.85
N PRO A 274 22.52 5.43 -5.36
CA PRO A 274 23.61 5.59 -6.30
C PRO A 274 23.83 4.39 -7.20
N ASN A 275 23.52 3.17 -6.79
CA ASN A 275 23.70 2.04 -7.71
C ASN A 275 23.14 0.75 -7.14
N ILE A 276 23.13 -0.34 -7.90
CA ILE A 276 22.53 -1.59 -7.42
C ILE A 276 23.01 -2.03 -6.03
N ASN A 277 24.30 -1.85 -5.75
CA ASN A 277 24.86 -2.30 -4.49
C ASN A 277 24.27 -1.51 -3.35
N LYS A 278 24.23 -0.18 -3.53
CA LYS A 278 23.65 0.67 -2.51
C LYS A 278 22.17 0.39 -2.39
N ALA A 279 21.53 0.11 -3.51
CA ALA A 279 20.12 -0.16 -3.48
C ALA A 279 19.82 -1.43 -2.63
N ARG A 280 20.61 -2.49 -2.81
CA ARG A 280 20.50 -3.67 -1.96
C ARG A 280 20.68 -3.29 -0.53
N TYR A 281 21.68 -2.49 -0.28
CA TYR A 281 21.97 -2.17 1.10
C TYR A 281 20.78 -1.38 1.74
N LEU A 282 20.20 -0.44 0.99
CA LEU A 282 19.10 0.40 1.47
C LEU A 282 17.83 -0.42 1.67
N TYR A 283 17.53 -1.28 0.70
CA TYR A 283 16.39 -2.18 0.79
C TYR A 283 16.47 -3.06 2.01
N ASP A 284 17.57 -3.77 2.15
CA ASP A 284 17.80 -4.55 3.34
C ASP A 284 17.57 -3.74 4.60
N ALA A 285 18.10 -2.53 4.66
CA ALA A 285 18.06 -1.81 5.95
C ALA A 285 16.68 -1.22 6.23
N LEU A 286 15.82 -1.13 5.21
CA LEU A 286 14.48 -0.58 5.42
C LEU A 286 13.46 -1.66 5.84
N VAL A 287 13.89 -2.94 5.84
CA VAL A 287 12.99 -4.10 6.06
C VAL A 287 12.24 -4.04 7.39
N ASN A 288 12.96 -3.82 8.48
CA ASN A 288 12.28 -3.67 9.75
C ASN A 288 11.60 -2.34 10.00
N PHE A 289 11.92 -1.28 9.24
CA PHE A 289 11.11 -0.05 9.28
C PHE A 289 9.67 -0.28 8.84
N ALA A 290 9.48 -1.20 7.90
CA ALA A 290 8.18 -1.40 7.35
C ALA A 290 7.18 -1.77 8.46
N PRO A 291 7.40 -2.85 9.21
CA PRO A 291 6.23 -3.08 10.14
C PRO A 291 6.07 -1.96 11.17
N ILE A 292 7.15 -1.27 11.49
CA ILE A 292 7.13 -0.25 12.53
C ILE A 292 6.30 0.97 12.07
N MET A 293 6.57 1.39 10.83
CA MET A 293 5.84 2.48 10.22
C MET A 293 4.41 2.06 9.98
N LEU A 294 4.19 0.79 9.62
CA LEU A 294 2.81 0.33 9.51
C LEU A 294 2.00 0.54 10.87
N ALA A 295 2.56 0.05 11.97
CA ALA A 295 1.96 0.35 13.27
C ALA A 295 1.81 1.87 13.53
N PHE A 296 2.83 2.63 13.17
CA PHE A 296 2.88 4.04 13.55
C PHE A 296 1.86 4.83 12.78
N SER A 297 1.66 4.45 11.52
CA SER A 297 0.83 5.23 10.66
C SER A 297 -0.68 4.82 10.70
N ALA A 298 -1.03 3.83 11.54
CA ALA A 298 -2.34 3.16 11.49
C ALA A 298 -3.49 4.11 11.18
N ALA A 299 -4.32 3.74 10.21
CA ALA A 299 -5.46 4.60 9.84
C ALA A 299 -6.73 3.79 9.40
N ALA A 300 -6.78 2.50 9.70
CA ALA A 300 -7.89 1.70 9.27
C ALA A 300 -8.45 0.78 10.38
N PRO A 301 -9.26 1.35 11.33
CA PRO A 301 -9.79 0.62 12.46
C PRO A 301 -11.17 0.02 12.20
N ALA A 302 -11.61 -0.04 10.95
CA ALA A 302 -12.99 -0.46 10.64
C ALA A 302 -13.07 -1.04 9.25
N PHE A 303 -13.94 -2.05 9.04
CA PHE A 303 -14.12 -2.68 7.74
C PHE A 303 -15.54 -3.11 7.67
N LYS A 304 -16.08 -3.06 6.47
CA LYS A 304 -17.40 -3.58 6.16
C LYS A 304 -18.45 -3.27 7.20
N GLY A 305 -18.49 -2.03 7.61
CA GLY A 305 -19.46 -1.64 8.58
C GLY A 305 -19.16 -1.88 10.05
N TRP A 306 -18.02 -2.52 10.37
CA TRP A 306 -17.71 -2.89 11.77
C TRP A 306 -16.46 -2.28 12.34
N LEU A 307 -16.45 -1.84 13.62
CA LEU A 307 -15.16 -1.64 14.34
C LEU A 307 -14.40 -2.95 14.43
N ALA A 308 -13.15 -2.95 13.95
CA ALA A 308 -12.36 -4.16 13.90
C ALA A 308 -11.53 -4.10 15.11
N ASP A 309 -10.90 -5.23 15.42
CA ASP A 309 -9.96 -5.25 16.51
C ASP A 309 -8.55 -5.25 15.90
N GLN A 310 -8.29 -4.26 15.04
CA GLN A 310 -6.98 -3.97 14.51
C GLN A 310 -7.14 -2.60 13.93
N ASP A 311 -6.02 -1.94 13.68
CA ASP A 311 -5.95 -0.57 13.25
C ASP A 311 -5.34 -0.33 11.86
N VAL A 312 -4.97 -1.37 11.12
CA VAL A 312 -4.35 -1.19 9.83
C VAL A 312 -4.96 -2.08 8.74
N ARG A 313 -4.57 -1.80 7.49
CA ARG A 313 -5.11 -2.46 6.31
C ARG A 313 -4.41 -3.75 5.88
N TRP A 314 -3.20 -3.94 6.38
CA TRP A 314 -2.27 -4.77 5.67
C TRP A 314 -2.80 -6.19 5.40
N ASN A 315 -3.22 -6.91 6.44
CA ASN A 315 -3.70 -8.29 6.22
C ASN A 315 -4.91 -8.35 5.30
N VAL A 316 -5.76 -7.30 5.35
CA VAL A 316 -6.89 -7.33 4.48
C VAL A 316 -6.39 -7.28 3.04
N ILE A 317 -5.44 -6.38 2.74
CA ILE A 317 -4.95 -6.32 1.36
C ILE A 317 -4.21 -7.61 1.05
N SER A 318 -3.46 -8.14 2.01
CA SER A 318 -2.82 -9.41 1.84
C SER A 318 -3.81 -10.47 1.36
N GLY A 319 -4.91 -10.66 2.07
CA GLY A 319 -5.92 -11.61 1.58
C GLY A 319 -6.63 -11.22 0.28
N ALA A 320 -6.80 -9.93 0.00
CA ALA A 320 -7.65 -9.54 -1.11
C ALA A 320 -7.14 -10.03 -2.47
N VAL A 321 -5.85 -10.35 -2.55
CA VAL A 321 -5.31 -10.84 -3.83
C VAL A 321 -4.51 -12.12 -3.64
N ASP A 322 -4.86 -12.87 -2.60
CA ASP A 322 -4.18 -14.09 -2.33
C ASP A 322 -4.69 -15.23 -3.27
N ASP A 323 -3.99 -15.41 -4.40
CA ASP A 323 -4.32 -16.47 -5.35
C ASP A 323 -3.94 -17.91 -4.91
N ARG A 324 -3.57 -18.11 -3.65
CA ARG A 324 -3.24 -19.48 -3.18
C ARG A 324 -4.46 -20.44 -3.14
N THR A 325 -4.41 -21.49 -3.97
CA THR A 325 -5.28 -22.67 -3.90
C THR A 325 -5.20 -23.30 -2.51
N PRO A 326 -6.23 -24.05 -2.08
CA PRO A 326 -6.03 -24.76 -0.78
C PRO A 326 -4.77 -25.68 -0.74
N LYS A 327 -4.51 -26.39 -1.84
CA LYS A 327 -3.20 -27.05 -1.97
C LYS A 327 -2.05 -26.14 -1.50
N GLU A 328 -1.92 -24.96 -2.10
CA GLU A 328 -0.82 -24.06 -1.79
C GLU A 328 -0.85 -23.60 -0.33
N ARG A 329 -2.05 -23.54 0.25
CA ARG A 329 -2.19 -23.25 1.68
C ARG A 329 -2.14 -24.47 2.63
N GLY A 330 -2.07 -25.69 2.08
CA GLY A 330 -2.10 -26.91 2.90
C GLY A 330 -3.37 -26.98 3.72
N VAL A 331 -4.53 -26.68 3.10
CA VAL A 331 -5.82 -26.85 3.76
C VAL A 331 -6.86 -27.51 2.86
N ALA A 332 -7.92 -28.00 3.49
CA ALA A 332 -9.07 -28.55 2.77
C ALA A 332 -9.76 -27.49 1.83
N PRO A 333 -10.20 -27.91 0.62
CA PRO A 333 -11.13 -27.01 -0.12
C PRO A 333 -12.39 -26.84 0.72
N LEU A 334 -13.16 -25.78 0.53
CA LEU A 334 -14.37 -25.69 1.33
C LEU A 334 -15.45 -26.48 0.59
N LEU A 335 -15.40 -26.47 -0.74
CA LEU A 335 -16.37 -27.20 -1.54
C LEU A 335 -15.67 -28.09 -2.56
N PRO A 336 -15.25 -29.30 -2.10
CA PRO A 336 -14.38 -30.25 -2.81
C PRO A 336 -14.92 -30.75 -4.15
N LYS A 337 -16.22 -30.66 -4.37
CA LYS A 337 -16.77 -31.11 -5.66
C LYS A 337 -16.57 -30.01 -6.67
N TYR A 338 -16.31 -28.80 -6.16
CA TYR A 338 -16.03 -27.67 -7.04
C TYR A 338 -14.55 -27.40 -7.22
N ASN A 339 -13.83 -27.24 -6.11
CA ASN A 339 -12.39 -27.00 -6.07
C ASN A 339 -11.69 -28.37 -6.02
N LYS A 340 -11.46 -28.93 -7.22
CA LYS A 340 -11.09 -30.32 -7.43
C LYS A 340 -9.73 -30.72 -6.79
N ASN A 341 -9.77 -31.43 -5.64
CA ASN A 341 -8.55 -31.85 -4.92
C ASN A 341 -7.71 -30.69 -4.37
N GLY A 342 -8.35 -29.54 -4.14
CA GLY A 342 -7.66 -28.33 -3.67
C GLY A 342 -6.75 -27.61 -4.66
N PHE A 343 -6.79 -28.00 -5.92
CA PHE A 343 -5.92 -27.42 -6.94
C PHE A 343 -6.49 -26.20 -7.68
N GLY A 344 -7.70 -25.79 -7.30
CA GLY A 344 -8.47 -24.77 -8.00
C GLY A 344 -8.28 -24.83 -9.51
N GLY A 345 -7.87 -23.68 -10.05
CA GLY A 345 -7.64 -23.48 -11.47
C GLY A 345 -6.28 -23.88 -12.02
N ILE A 346 -5.43 -24.54 -11.22
CA ILE A 346 -4.11 -24.88 -11.74
C ILE A 346 -4.22 -25.96 -12.83
N ALA A 347 -3.61 -25.78 -14.00
CA ALA A 347 -3.73 -26.81 -15.08
C ALA A 347 -3.34 -28.22 -14.58
N LYS A 348 -4.10 -29.23 -15.00
CA LYS A 348 -3.81 -30.64 -14.64
C LYS A 348 -2.33 -30.98 -14.78
N ASP A 349 -1.78 -30.69 -15.95
CA ASP A 349 -0.44 -31.09 -16.24
C ASP A 349 0.62 -30.40 -15.39
N VAL A 350 0.23 -29.53 -14.45
CA VAL A 350 1.26 -28.90 -13.62
C VAL A 350 1.00 -29.07 -12.15
N GLN A 351 -0.08 -29.74 -11.81
CA GLN A 351 -0.41 -29.83 -10.39
C GLN A 351 0.68 -30.53 -9.59
N ASP A 352 1.38 -31.44 -10.28
CA ASP A 352 2.48 -32.20 -9.69
C ASP A 352 3.68 -31.31 -9.28
N LYS A 353 3.84 -30.16 -9.92
CA LYS A 353 4.89 -29.21 -9.53
C LYS A 353 4.44 -28.07 -8.60
N VAL A 354 3.23 -28.18 -8.04
CA VAL A 354 2.72 -27.24 -7.02
C VAL A 354 3.47 -27.34 -5.66
N LEU A 355 3.71 -26.18 -5.01
CA LEU A 355 4.36 -26.08 -3.68
C LEU A 355 3.47 -25.51 -2.57
N GLU A 356 3.64 -25.98 -1.33
CA GLU A 356 3.04 -25.30 -0.20
C GLU A 356 3.74 -23.93 -0.14
N ILE A 357 2.99 -22.83 -0.21
CA ILE A 357 3.58 -21.48 -0.12
C ILE A 357 2.96 -20.82 1.08
N PRO A 358 3.78 -20.29 2.02
CA PRO A 358 3.23 -19.75 3.28
C PRO A 358 2.56 -18.37 3.22
N LYS A 359 2.86 -17.57 2.22
CA LYS A 359 2.43 -16.19 2.34
C LYS A 359 1.77 -15.78 1.09
N SER A 360 0.80 -14.89 1.20
CA SER A 360 0.14 -14.29 0.01
C SER A 360 1.15 -13.52 -0.84
N ARG A 361 0.91 -13.47 -2.15
CA ARG A 361 1.82 -12.78 -3.09
C ARG A 361 1.80 -11.27 -2.84
N TYR A 362 0.83 -10.87 -2.02
CA TYR A 362 0.88 -9.62 -1.38
C TYR A 362 1.22 -9.91 0.09
N SER A 363 2.43 -9.55 0.50
CA SER A 363 2.90 -9.78 1.89
C SER A 363 4.26 -9.22 2.10
N SER A 364 4.69 -9.13 3.36
CA SER A 364 5.98 -8.59 3.76
C SER A 364 7.18 -9.22 3.06
N VAL A 365 8.24 -8.42 2.89
CA VAL A 365 9.44 -8.89 2.18
C VAL A 365 9.86 -10.28 2.66
N ASP A 366 10.29 -11.13 1.75
CA ASP A 366 10.62 -12.46 2.19
C ASP A 366 12.08 -12.69 2.54
N LEU A 367 12.96 -11.88 1.93
CA LEU A 367 14.39 -12.14 1.89
C LEU A 367 15.19 -10.86 1.76
N PHE A 368 16.19 -10.74 2.63
CA PHE A 368 17.23 -9.79 2.45
C PHE A 368 17.94 -10.16 1.17
N LEU A 369 18.37 -9.15 0.41
CA LEU A 369 19.13 -9.37 -0.82
C LEU A 369 20.63 -9.52 -0.55
N GLY A 370 21.08 -9.07 0.60
CA GLY A 370 22.51 -9.12 0.93
C GLY A 370 23.38 -8.39 -0.07
N GLY A 371 24.65 -8.76 -0.11
CA GLY A 371 25.61 -8.08 -0.95
C GLY A 371 26.29 -6.90 -0.28
N SER A 372 26.25 -6.77 1.05
CA SER A 372 26.95 -5.68 1.76
C SER A 372 27.71 -6.20 3.00
N LYS A 373 28.62 -5.39 3.57
CA LYS A 373 29.49 -5.83 4.70
C LYS A 373 28.78 -6.69 5.75
N PHE A 374 27.61 -6.21 6.22
CA PHE A 374 26.99 -6.73 7.42
C PHE A 374 26.09 -7.92 7.16
N PHE A 375 25.99 -8.36 5.90
CA PHE A 375 24.97 -9.32 5.56
C PHE A 375 25.51 -10.70 5.71
N ASN A 376 24.67 -11.55 6.27
CA ASN A 376 24.94 -12.95 6.41
C ASN A 376 23.66 -13.70 6.11
N ARG A 377 23.78 -14.81 5.37
CA ARG A 377 22.64 -15.54 4.82
C ARG A 377 21.74 -16.09 5.92
N THR A 378 22.26 -16.24 7.14
CA THR A 378 21.48 -16.77 8.25
C THR A 378 20.35 -15.86 8.73
N TYR A 379 20.43 -14.58 8.38
CA TYR A 379 19.33 -13.65 8.61
C TYR A 379 18.03 -14.04 7.88
N ASN A 380 18.16 -14.77 6.77
CA ASN A 380 17.05 -15.24 6.01
C ASN A 380 16.66 -16.59 6.62
N ASP A 381 16.00 -16.57 7.77
CA ASP A 381 15.73 -17.78 8.54
C ASP A 381 14.29 -18.19 8.41
N THR A 382 13.66 -17.92 7.28
CA THR A 382 12.22 -18.19 7.21
C THR A 382 11.91 -19.08 6.02
N ASN A 383 10.69 -19.64 6.05
CA ASN A 383 10.18 -20.45 4.95
C ASN A 383 9.90 -19.63 3.66
N VAL A 384 10.77 -19.78 2.67
CA VAL A 384 10.66 -19.00 1.45
C VAL A 384 10.90 -19.95 0.24
N PRO A 385 9.81 -20.59 -0.23
CA PRO A 385 9.87 -21.46 -1.39
C PRO A 385 10.44 -20.73 -2.59
N ILE A 386 11.22 -21.44 -3.39
CA ILE A 386 11.81 -20.84 -4.59
C ILE A 386 11.61 -21.70 -5.85
N ASN A 387 11.67 -21.00 -6.98
CA ASN A 387 11.58 -21.54 -8.30
C ASN A 387 13.00 -21.86 -8.72
N GLU A 388 13.30 -23.15 -8.71
CA GLU A 388 14.70 -23.61 -8.83
C GLU A 388 15.24 -23.50 -10.23
N LYS A 389 14.36 -23.72 -11.20
CA LYS A 389 14.67 -23.41 -12.58
C LYS A 389 15.17 -21.97 -12.69
N VAL A 390 14.41 -21.03 -12.09
CA VAL A 390 14.70 -19.61 -12.23
C VAL A 390 16.02 -19.26 -11.57
N LEU A 391 16.21 -19.77 -10.34
CA LEU A 391 17.49 -19.62 -9.62
C LEU A 391 18.63 -20.08 -10.54
N GLY A 392 18.48 -21.34 -11.02
CA GLY A 392 19.41 -22.00 -11.92
C GLY A 392 19.86 -21.04 -12.99
N ARG A 393 18.85 -20.53 -13.69
CA ARG A 393 19.09 -19.70 -14.85
C ARG A 393 19.70 -18.33 -14.52
N LEU A 394 19.43 -17.77 -13.33
CA LEU A 394 20.04 -16.49 -12.95
C LEU A 394 21.46 -16.67 -12.47
N LEU A 395 21.76 -17.87 -11.99
CA LEU A 395 23.12 -18.20 -11.56
C LEU A 395 24.02 -18.48 -12.75
N GLU A 396 23.45 -19.14 -13.77
CA GLU A 396 24.24 -19.66 -14.87
C GLU A 396 23.68 -19.25 -16.22
N ASN A 397 24.20 -18.14 -16.74
CA ASN A 397 23.73 -17.57 -18.02
C ASN A 397 24.84 -16.67 -18.55
N ASP A 398 24.73 -16.25 -19.82
CA ASP A 398 25.87 -15.63 -20.51
C ASP A 398 25.73 -14.12 -20.64
N LYS A 399 24.71 -13.57 -19.97
CA LYS A 399 24.46 -12.14 -20.07
C LYS A 399 24.71 -11.40 -18.74
N ALA A 400 24.35 -12.06 -17.63
CA ALA A 400 24.45 -11.46 -16.27
C ALA A 400 24.36 -12.53 -15.18
N PRO A 401 25.51 -13.14 -14.85
CA PRO A 401 25.50 -14.16 -13.80
C PRO A 401 25.40 -13.44 -12.47
N LEU A 402 24.43 -13.84 -11.65
CA LEU A 402 24.07 -13.12 -10.44
C LEU A 402 24.57 -13.81 -9.21
N ASP A 403 24.71 -13.05 -8.13
CA ASP A 403 25.09 -13.70 -6.89
C ASP A 403 23.93 -14.50 -6.32
N TYR A 404 24.24 -15.48 -5.50
CA TYR A 404 23.24 -16.41 -5.02
C TYR A 404 22.11 -15.64 -4.29
N ASP A 405 22.47 -14.81 -3.31
CA ASP A 405 21.43 -14.13 -2.55
C ASP A 405 20.44 -13.36 -3.45
N LEU A 406 20.98 -12.51 -4.34
CA LEU A 406 20.12 -11.78 -5.27
C LEU A 406 19.29 -12.68 -6.21
N ALA A 407 19.87 -13.82 -6.63
CA ALA A 407 19.13 -14.83 -7.44
C ALA A 407 17.94 -15.43 -6.76
N LYS A 408 18.07 -15.69 -5.47
CA LYS A 408 17.09 -16.30 -4.63
C LYS A 408 15.85 -15.39 -4.53
N HIS A 409 16.07 -14.07 -4.37
CA HIS A 409 14.97 -13.11 -4.34
C HIS A 409 14.10 -13.20 -5.60
N PHE A 410 14.76 -13.22 -6.77
CA PHE A 410 13.99 -13.29 -7.96
C PHE A 410 13.41 -14.65 -8.01
N ALA A 411 14.20 -15.63 -7.61
CA ALA A 411 13.73 -17.00 -7.66
C ALA A 411 12.46 -17.10 -6.80
N HIS A 412 12.34 -16.30 -5.75
CA HIS A 412 11.14 -16.42 -4.93
C HIS A 412 9.96 -15.71 -5.54
N LEU A 413 10.19 -14.54 -6.14
CA LEU A 413 9.10 -13.85 -6.83
C LEU A 413 8.48 -14.78 -7.88
N TYR A 414 9.30 -15.58 -8.52
CA TYR A 414 8.85 -16.44 -9.58
C TYR A 414 8.18 -17.78 -9.18
N ILE A 415 7.65 -17.88 -7.98
CA ILE A 415 6.91 -19.08 -7.68
C ILE A 415 5.44 -18.80 -7.96
N ARG A 416 5.15 -17.60 -8.47
CA ARG A 416 3.78 -17.19 -8.71
C ARG A 416 3.46 -17.34 -10.16
N ASP A 417 2.19 -17.58 -10.49
CA ASP A 417 1.76 -17.44 -11.90
C ASP A 417 1.32 -16.05 -12.23
N PRO A 418 1.52 -15.64 -13.49
CA PRO A 418 1.04 -14.35 -13.95
C PRO A 418 -0.49 -14.28 -13.80
N VAL A 419 -1.04 -13.09 -13.52
CA VAL A 419 -2.50 -13.04 -13.38
C VAL A 419 -3.22 -11.98 -14.17
N SER A 420 -2.53 -11.35 -15.12
CA SER A 420 -3.19 -10.61 -16.16
C SER A 420 -2.20 -10.36 -17.24
N THR A 421 -2.57 -10.81 -18.43
CA THR A 421 -1.69 -10.84 -19.58
C THR A 421 -2.55 -10.58 -20.80
N PHE A 422 -2.13 -9.65 -21.67
CA PHE A 422 -2.85 -9.36 -22.91
C PHE A 422 -2.32 -10.17 -24.09
N GLU A 423 -3.19 -10.42 -25.05
CA GLU A 423 -2.81 -11.21 -26.23
C GLU A 423 -1.74 -10.52 -27.10
N GLU A 424 -1.93 -9.23 -27.39
CA GLU A 424 -0.87 -8.39 -28.04
C GLU A 424 0.50 -8.82 -27.53
N LEU A 425 0.67 -8.68 -26.22
CA LEU A 425 1.92 -8.78 -25.48
C LEU A 425 2.63 -10.12 -25.36
N LEU A 426 2.15 -11.17 -26.03
CA LEU A 426 2.70 -12.51 -25.79
C LEU A 426 4.15 -12.67 -26.19
N ASN A 427 4.53 -12.06 -27.31
CA ASN A 427 5.93 -12.16 -27.62
C ASN A 427 6.63 -10.84 -27.68
N GLN A 428 7.59 -10.63 -26.79
CA GLN A 428 8.28 -9.36 -26.79
C GLN A 428 9.69 -9.51 -27.31
N ASP A 429 10.31 -8.37 -27.57
CA ASP A 429 11.73 -8.27 -27.77
C ASP A 429 12.37 -8.10 -26.36
N ASN A 430 12.92 -9.18 -25.87
CA ASN A 430 13.46 -9.20 -24.52
C ASN A 430 14.57 -8.19 -24.29
N LYS A 431 15.19 -7.68 -25.37
CA LYS A 431 16.23 -6.65 -25.25
C LYS A 431 15.69 -5.27 -24.95
N THR A 432 14.39 -5.08 -25.17
CA THR A 432 13.89 -3.70 -25.08
C THR A 432 12.72 -3.64 -24.16
N SER A 433 11.95 -4.72 -24.13
CA SER A 433 10.81 -4.78 -23.27
C SER A 433 11.15 -5.40 -21.89
N SER A 434 10.62 -4.78 -20.82
CA SER A 434 10.66 -5.43 -19.54
C SER A 434 9.25 -5.78 -19.08
N ASN A 435 8.30 -5.81 -20.02
CA ASN A 435 6.89 -6.05 -19.66
C ASN A 435 6.62 -7.39 -18.97
N HIS A 436 7.20 -8.45 -19.53
CA HIS A 436 6.99 -9.79 -19.03
C HIS A 436 7.48 -9.99 -17.62
N PHE A 437 8.63 -9.41 -17.30
CA PHE A 437 9.16 -9.49 -15.97
C PHE A 437 8.25 -8.66 -15.07
N GLU A 438 7.86 -7.48 -15.56
CA GLU A 438 7.00 -6.51 -14.87
C GLU A 438 5.67 -7.15 -14.46
N ASN A 439 5.20 -8.07 -15.29
CA ASN A 439 4.08 -8.96 -14.95
C ASN A 439 4.20 -9.60 -13.55
N ILE A 440 5.34 -10.26 -13.30
CA ILE A 440 5.56 -10.95 -12.01
C ILE A 440 6.08 -10.00 -10.94
N GLN A 441 6.94 -9.07 -11.33
CA GLN A 441 7.50 -8.14 -10.40
C GLN A 441 6.38 -7.40 -9.65
N SER A 442 5.35 -7.02 -10.40
CA SER A 442 4.40 -6.01 -9.96
C SER A 442 3.13 -6.62 -9.35
N THR A 443 3.00 -7.93 -9.49
CA THR A 443 2.00 -8.65 -8.74
C THR A 443 2.62 -9.51 -7.61
N ASN A 444 3.85 -9.16 -7.24
CA ASN A 444 4.37 -9.48 -5.93
C ASN A 444 4.34 -8.16 -5.24
N TRP A 445 3.35 -7.97 -4.39
CA TRP A 445 3.19 -6.68 -3.68
C TRP A 445 3.65 -6.82 -2.23
N GLN A 446 4.84 -6.28 -1.93
CA GLN A 446 5.45 -6.51 -0.62
C GLN A 446 5.68 -5.18 0.09
N THR A 447 6.29 -5.23 1.28
CA THR A 447 6.42 -4.02 2.12
C THR A 447 7.46 -3.07 1.53
N LEU A 448 8.45 -3.61 0.85
CA LEU A 448 9.34 -2.84 0.02
C LEU A 448 9.26 -3.43 -1.37
N ARG A 449 9.87 -2.73 -2.34
CA ARG A 449 10.09 -3.31 -3.63
C ARG A 449 11.43 -2.83 -4.20
N PHE A 450 12.20 -3.79 -4.67
CA PHE A 450 13.46 -3.59 -5.29
C PHE A 450 13.12 -3.45 -6.75
N LYS A 451 13.29 -2.23 -7.25
CA LYS A 451 12.97 -1.82 -8.65
C LYS A 451 14.17 -1.74 -9.57
N PRO A 452 14.39 -2.77 -10.42
CA PRO A 452 15.44 -2.69 -11.46
C PRO A 452 15.13 -1.55 -12.41
N PRO A 453 16.09 -1.08 -13.18
CA PRO A 453 15.53 -0.17 -14.18
C PRO A 453 15.17 -0.88 -15.51
N THR A 454 15.19 -0.14 -16.62
CA THR A 454 14.91 -0.70 -17.97
C THR A 454 16.22 -0.96 -18.68
N GLN A 455 16.15 -1.68 -19.81
CA GLN A 455 17.33 -1.96 -20.64
C GLN A 455 17.84 -0.67 -21.23
N GLN A 456 17.00 0.34 -21.27
CA GLN A 456 17.36 1.58 -21.91
C GLN A 456 18.17 2.48 -20.93
N ALA A 457 18.28 2.03 -19.67
CA ALA A 457 18.96 2.81 -18.60
C ALA A 457 20.45 2.50 -18.48
N THR A 458 21.15 2.53 -19.61
CA THR A 458 22.60 2.35 -19.60
C THR A 458 23.29 3.51 -18.86
N PRO A 459 24.47 3.25 -18.27
CA PRO A 459 25.19 4.26 -17.46
C PRO A 459 25.42 5.63 -18.11
N ASP A 460 25.59 5.67 -19.42
CA ASP A 460 25.77 6.97 -20.04
C ASP A 460 24.51 7.83 -19.97
N LYS A 461 23.35 7.21 -19.99
CA LYS A 461 22.07 7.90 -19.79
C LYS A 461 21.88 8.28 -18.32
N LYS A 462 22.38 9.45 -17.93
CA LYS A 462 22.34 9.91 -16.52
C LYS A 462 20.96 10.26 -16.01
N ASP A 463 19.97 10.34 -16.88
CA ASP A 463 18.62 10.81 -16.46
C ASP A 463 17.58 9.72 -16.28
N SER A 464 17.80 8.56 -16.91
CA SER A 464 16.91 7.42 -16.77
C SER A 464 16.90 6.93 -15.29
N PRO A 465 15.76 6.38 -14.84
CA PRO A 465 15.65 5.80 -13.51
C PRO A 465 16.68 4.69 -13.21
N GLY A 466 17.33 4.80 -12.05
CA GLY A 466 18.43 3.91 -11.67
C GLY A 466 17.92 2.66 -10.98
N TRP A 467 18.66 2.20 -9.97
CA TRP A 467 18.17 1.09 -9.14
C TRP A 467 17.44 1.67 -7.95
N ARG A 468 16.14 1.36 -7.83
CA ARG A 468 15.31 2.00 -6.80
C ARG A 468 14.73 1.09 -5.73
N VAL A 469 14.42 1.69 -4.59
CA VAL A 469 13.78 1.02 -3.48
C VAL A 469 12.47 1.73 -3.18
N GLU A 470 11.39 0.94 -3.17
CA GLU A 470 10.08 1.49 -2.81
C GLU A 470 9.70 1.04 -1.43
N PHE A 471 9.25 1.99 -0.63
CA PHE A 471 8.82 1.79 0.75
C PHE A 471 7.29 1.86 0.71
N ARG A 472 6.64 0.71 0.92
CA ARG A 472 5.20 0.54 0.71
C ARG A 472 4.24 0.45 1.92
N PRO A 473 4.73 0.43 3.15
CA PRO A 473 3.75 0.07 4.19
C PRO A 473 2.83 1.21 4.69
N PHE A 474 3.25 2.45 4.59
CA PHE A 474 2.51 3.56 5.20
C PHE A 474 1.00 3.58 4.93
N GLU A 475 0.17 3.63 5.97
CA GLU A 475 -1.26 3.84 5.79
C GLU A 475 -1.38 5.26 5.28
N VAL A 476 -2.44 5.63 4.56
CA VAL A 476 -2.50 7.02 4.07
C VAL A 476 -3.19 7.98 5.06
N GLN A 477 -2.76 9.24 5.15
CA GLN A 477 -3.37 10.11 6.16
C GLN A 477 -4.35 11.13 5.54
N LEU A 478 -5.32 11.57 6.33
CA LEU A 478 -6.27 12.57 5.83
C LEU A 478 -5.60 13.84 5.29
N LEU A 479 -4.61 14.39 6.01
CA LEU A 479 -4.08 15.71 5.66
C LEU A 479 -2.84 15.63 4.80
N ASP A 480 -2.69 16.58 3.87
CA ASP A 480 -1.47 16.65 3.06
C ASP A 480 -0.23 16.92 3.91
N PHE A 481 -0.42 17.65 5.01
CA PHE A 481 0.61 17.86 6.04
C PHE A 481 1.10 16.55 6.70
N GLU A 482 0.18 15.68 7.16
CA GLU A 482 0.57 14.35 7.65
C GLU A 482 1.36 13.58 6.57
N ASN A 483 0.83 13.51 5.37
CA ASN A 483 1.49 12.70 4.38
C ASN A 483 2.83 13.30 3.97
N ALA A 484 2.94 14.60 4.07
CA ALA A 484 4.24 15.20 3.69
C ALA A 484 5.26 14.87 4.80
N ALA A 485 4.84 15.05 6.04
CA ALA A 485 5.58 14.75 7.21
C ALA A 485 6.14 13.34 7.15
N TYR A 486 5.27 12.35 6.99
CA TYR A 486 5.73 10.92 6.84
C TYR A 486 6.60 10.72 5.63
N SER A 487 6.31 11.40 4.54
CA SER A 487 7.18 11.30 3.36
C SER A 487 8.60 11.82 3.68
N VAL A 488 8.67 12.90 4.43
CA VAL A 488 9.96 13.46 4.75
C VAL A 488 10.67 12.59 5.77
N LEU A 489 9.92 11.98 6.67
CA LEU A 489 10.51 11.05 7.63
C LEU A 489 11.28 9.94 6.89
N ILE A 490 10.56 9.16 6.10
CA ILE A 490 11.27 8.18 5.34
C ILE A 490 12.40 8.81 4.46
N TYR A 491 12.21 10.03 3.94
CA TYR A 491 13.29 10.63 3.15
C TYR A 491 14.56 10.74 3.98
N LEU A 492 14.43 11.37 5.16
CA LEU A 492 15.54 11.54 6.10
C LEU A 492 16.23 10.23 6.52
N ILE A 493 15.42 9.25 6.94
CA ILE A 493 15.86 7.87 7.17
C ILE A 493 16.62 7.35 5.96
N VAL A 494 16.04 7.42 4.77
CA VAL A 494 16.78 6.98 3.61
C VAL A 494 18.11 7.73 3.40
N ASP A 495 18.14 9.01 3.74
CA ASP A 495 19.31 9.79 3.42
C ASP A 495 20.37 9.37 4.40
N SER A 496 20.06 9.50 5.70
CA SER A 496 20.86 8.89 6.80
C SER A 496 21.45 7.54 6.39
N ILE A 497 20.57 6.62 5.98
CA ILE A 497 21.02 5.28 5.64
C ILE A 497 22.11 5.31 4.57
N LEU A 498 21.94 6.17 3.59
CA LEU A 498 22.84 6.15 2.43
C LEU A 498 24.11 6.92 2.71
N THR A 499 24.00 7.96 3.56
CA THR A 499 25.14 8.77 3.94
C THR A 499 26.06 8.05 4.93
N PHE A 500 25.53 7.11 5.71
CA PHE A 500 26.33 6.42 6.72
C PHE A 500 26.40 4.92 6.47
N SER A 501 26.29 4.55 5.21
CA SER A 501 26.22 3.16 4.84
C SER A 501 27.36 2.29 5.39
N ASP A 502 28.49 2.90 5.68
CA ASP A 502 29.62 2.19 6.26
C ASP A 502 29.47 1.79 7.67
N ASN A 503 28.62 2.51 8.41
CA ASN A 503 28.51 2.40 9.86
C ASN A 503 27.16 1.86 10.33
N ILE A 504 26.21 1.72 9.42
CA ILE A 504 24.91 1.31 9.89
C ILE A 504 24.65 -0.15 9.54
N ASN A 505 24.60 -0.98 10.59
CA ASN A 505 24.18 -2.36 10.46
C ASN A 505 22.72 -2.57 10.91
N ALA A 506 21.80 -2.74 9.95
CA ALA A 506 20.38 -2.85 10.27
C ALA A 506 19.87 -4.28 10.28
N TYR A 507 20.76 -5.24 10.09
CA TYR A 507 20.25 -6.55 9.89
C TYR A 507 19.63 -7.14 11.17
N ILE A 508 18.54 -7.89 11.01
CA ILE A 508 17.96 -8.70 12.09
C ILE A 508 17.34 -9.89 11.42
N HIS A 509 17.02 -10.91 12.17
CA HIS A 509 16.47 -12.08 11.56
C HIS A 509 15.05 -11.80 11.01
N MET A 510 14.88 -12.19 9.75
CA MET A 510 13.63 -11.99 9.09
C MET A 510 12.45 -12.46 9.95
N SER A 511 12.63 -13.53 10.66
CA SER A 511 11.50 -14.07 11.39
C SER A 511 10.96 -13.06 12.42
N LYS A 512 11.81 -12.16 12.93
CA LYS A 512 11.31 -11.20 13.90
C LYS A 512 10.51 -10.14 13.14
N VAL A 513 10.96 -9.84 11.93
CA VAL A 513 10.25 -8.90 11.08
C VAL A 513 8.83 -9.38 10.79
N TRP A 514 8.66 -10.67 10.51
CA TRP A 514 7.34 -11.18 10.23
C TRP A 514 6.48 -11.11 11.50
N GLU A 515 7.08 -11.42 12.62
CA GLU A 515 6.38 -11.27 13.85
C GLU A 515 6.04 -9.82 14.04
N ASN A 516 6.98 -8.93 13.75
CA ASN A 516 6.70 -7.51 13.89
C ASN A 516 5.49 -7.17 13.04
N MET A 517 5.49 -7.67 11.82
CA MET A 517 4.36 -7.39 10.97
C MET A 517 3.02 -7.82 11.58
N LYS A 518 2.93 -8.95 12.27
CA LYS A 518 1.65 -9.23 13.00
C LYS A 518 1.44 -8.32 14.22
N ILE A 519 2.40 -8.15 15.11
CA ILE A 519 2.17 -7.19 16.23
C ILE A 519 1.61 -5.88 15.68
N ALA A 520 2.11 -5.45 14.53
CA ALA A 520 1.80 -4.09 14.03
C ALA A 520 0.32 -3.92 13.75
N HIS A 521 -0.40 -5.02 13.61
CA HIS A 521 -1.84 -4.96 13.39
C HIS A 521 -2.66 -4.69 14.62
N HIS A 522 -2.16 -4.99 15.81
CA HIS A 522 -3.06 -5.07 16.96
C HIS A 522 -3.63 -3.70 17.26
N ARG A 523 -4.89 -3.67 17.67
CA ARG A 523 -5.50 -2.40 18.07
C ARG A 523 -4.64 -1.67 19.11
N ASP A 524 -4.52 -0.34 18.97
CA ASP A 524 -3.68 0.51 19.80
C ASP A 524 -2.22 0.10 19.90
N ALA A 525 -1.77 -0.78 19.01
CA ALA A 525 -0.37 -1.14 18.97
C ALA A 525 0.57 0.06 19.24
N ILE A 526 0.49 1.14 18.48
CA ILE A 526 1.38 2.25 18.74
C ILE A 526 1.43 2.64 20.23
N LEU A 527 0.31 2.46 20.93
CA LEU A 527 0.24 2.95 22.26
C LEU A 527 0.93 2.08 23.30
N PHE A 528 1.12 0.78 23.04
CA PHE A 528 1.63 -0.07 24.13
C PHE A 528 2.40 -1.33 23.68
N GLU A 529 2.07 -1.91 22.53
CA GLU A 529 2.77 -3.10 22.11
C GLU A 529 4.26 -2.84 21.95
N LYS A 530 5.02 -3.93 21.85
CA LYS A 530 6.47 -3.97 21.82
C LYS A 530 6.92 -4.76 20.60
N PHE A 531 8.03 -4.32 20.00
CA PHE A 531 8.49 -4.88 18.72
C PHE A 531 9.95 -5.23 18.79
N HIS A 532 10.32 -6.27 18.08
CA HIS A 532 11.73 -6.60 17.95
C HIS A 532 12.50 -5.51 17.17
N TRP A 533 13.31 -4.71 17.84
CA TRP A 533 14.14 -3.73 17.14
C TRP A 533 15.63 -3.94 17.54
N LYS A 534 16.58 -3.66 16.64
CA LYS A 534 18.02 -3.78 16.93
C LYS A 534 18.41 -3.01 18.14
N LYS A 535 19.41 -3.53 18.82
CA LYS A 535 19.88 -2.94 20.04
C LYS A 535 20.81 -1.82 19.64
N SER A 536 21.55 -2.03 18.57
CA SER A 536 22.47 -1.05 18.05
C SER A 536 22.61 -1.19 16.53
N PHE A 537 22.81 -0.06 15.89
CA PHE A 537 23.09 -0.08 14.48
C PHE A 537 24.55 0.16 14.23
N ARG A 538 25.19 0.92 15.11
CA ARG A 538 26.60 1.32 14.96
C ARG A 538 27.43 0.20 15.56
N ASN A 539 27.79 -0.81 14.74
CA ASN A 539 28.22 -2.11 15.33
C ASN A 539 28.30 -3.42 14.49
N ASP A 540 29.40 -3.60 13.76
CA ASP A 540 29.58 -4.75 12.88
C ASP A 540 29.63 -6.08 13.63
N THR A 541 29.04 -7.11 13.02
CA THR A 541 29.04 -8.45 13.60
C THR A 541 28.00 -8.61 14.70
N ASP A 542 27.14 -7.62 14.86
CA ASP A 542 26.12 -7.66 15.90
C ASP A 542 24.69 -7.63 15.35
N VAL A 543 23.87 -8.56 15.82
CA VAL A 543 22.42 -8.62 15.43
C VAL A 543 21.36 -8.88 16.56
N GLU A 544 21.70 -8.45 17.78
CA GLU A 544 20.82 -8.52 18.93
C GLU A 544 19.63 -7.62 18.70
N THR A 545 18.44 -8.13 19.03
CA THR A 545 17.27 -7.29 19.20
C THR A 545 16.85 -7.37 20.64
N GLU A 546 16.17 -6.31 21.09
CA GLU A 546 15.32 -6.35 22.28
C GLU A 546 13.93 -5.94 21.81
N ASP A 547 13.00 -5.83 22.75
CA ASP A 547 11.66 -5.47 22.38
C ASP A 547 11.34 -4.11 22.93
N TYR A 548 11.00 -3.19 22.02
CA TYR A 548 10.84 -1.79 22.37
C TYR A 548 9.44 -1.38 21.99
N SER A 549 8.98 -0.29 22.61
CA SER A 549 7.71 0.33 22.25
C SER A 549 8.00 1.28 21.08
N ILE A 550 6.93 1.74 20.43
CA ILE A 550 7.10 2.68 19.30
C ILE A 550 7.75 3.94 19.83
N SER A 551 7.32 4.34 21.01
CA SER A 551 7.92 5.47 21.65
C SER A 551 9.41 5.29 21.82
N GLU A 552 9.82 4.09 22.24
CA GLU A 552 11.25 3.85 22.43
C GLU A 552 11.96 3.83 21.12
N ILE A 553 11.40 3.08 20.18
CA ILE A 553 11.95 2.92 18.82
C ILE A 553 12.16 4.25 18.11
N PHE A 554 11.33 5.25 18.42
CA PHE A 554 11.53 6.57 17.90
C PHE A 554 12.55 7.41 18.61
N HIS A 555 12.63 7.25 19.95
CA HIS A 555 13.36 8.23 20.80
C HIS A 555 14.58 7.75 21.63
N ASN A 556 14.78 6.45 21.76
CA ASN A 556 15.94 5.93 22.46
C ASN A 556 17.24 6.50 21.95
N PRO A 557 18.03 7.08 22.84
CA PRO A 557 19.35 7.52 22.38
C PRO A 557 20.13 6.41 21.67
N GLU A 558 20.13 5.19 22.16
CA GLU A 558 20.95 4.18 21.48
C GLU A 558 20.52 3.69 20.10
N ASN A 559 19.22 3.44 19.91
CA ASN A 559 18.77 2.74 18.72
C ASN A 559 17.47 3.36 18.22
N GLY A 560 17.22 4.58 18.67
CA GLY A 560 16.01 5.27 18.21
C GLY A 560 16.10 5.90 16.83
N ILE A 561 14.95 6.01 16.16
CA ILE A 561 14.85 6.63 14.86
C ILE A 561 15.31 8.11 14.89
N PHE A 562 14.92 8.86 15.92
CA PHE A 562 15.37 10.23 15.92
C PHE A 562 16.86 10.35 16.23
N PRO A 563 17.35 9.78 17.36
CA PRO A 563 18.76 10.02 17.63
C PRO A 563 19.69 9.28 16.74
N GLN A 564 19.28 8.15 16.18
CA GLN A 564 20.16 7.38 15.32
C GLN A 564 20.06 7.67 13.85
N PHE A 565 18.93 8.21 13.41
CA PHE A 565 18.68 8.37 11.99
C PHE A 565 18.41 9.83 11.59
N VAL A 566 17.26 10.33 12.05
CA VAL A 566 16.86 11.66 11.79
C VAL A 566 17.86 12.70 12.31
N THR A 567 18.09 12.78 13.62
CA THR A 567 18.98 13.83 14.15
C THR A 567 20.37 13.87 13.51
N PRO A 568 21.06 12.75 13.40
CA PRO A 568 22.38 12.81 12.74
C PRO A 568 22.46 13.38 11.30
N ILE A 569 21.54 12.99 10.41
CA ILE A 569 21.59 13.51 9.04
C ILE A 569 21.29 15.02 8.99
N LEU A 570 20.42 15.53 9.88
CA LEU A 570 20.20 16.97 10.01
C LEU A 570 21.47 17.74 10.43
N CYS A 571 22.32 17.07 11.20
CA CYS A 571 23.61 17.64 11.55
C CYS A 571 24.52 17.72 10.32
N GLN A 572 24.73 16.63 9.58
CA GLN A 572 25.70 16.69 8.49
C GLN A 572 25.20 17.56 7.36
N LYS A 573 23.92 17.88 7.38
CA LYS A 573 23.38 18.79 6.41
C LYS A 573 23.47 20.19 7.00
N GLY A 574 23.70 20.30 8.30
CA GLY A 574 23.73 21.61 8.94
C GLY A 574 22.40 22.32 9.11
N PHE A 575 21.30 21.57 9.23
CA PHE A 575 20.03 22.17 9.62
C PHE A 575 19.95 22.48 11.09
N VAL A 576 20.71 21.75 11.89
CA VAL A 576 20.81 21.96 13.35
C VAL A 576 22.26 21.64 13.77
N THR A 577 22.58 21.84 15.06
CA THR A 577 23.91 21.48 15.54
C THR A 577 23.98 20.26 16.47
N LYS A 578 22.99 20.11 17.35
CA LYS A 578 22.94 19.04 18.38
C LYS A 578 21.67 18.20 18.18
N ASP A 579 20.55 18.91 18.08
CA ASP A 579 19.24 18.30 18.19
C ASP A 579 18.20 18.76 17.14
N TRP A 580 17.35 17.82 16.71
CA TRP A 580 16.22 18.14 15.83
C TRP A 580 15.34 19.20 16.42
N LYS A 581 15.10 19.22 17.72
CA LYS A 581 14.18 20.28 18.25
C LYS A 581 14.59 21.74 17.96
N GLU A 582 15.87 21.95 17.65
CA GLU A 582 16.39 23.30 17.38
C GLU A 582 15.59 23.97 16.27
N LEU A 583 15.25 23.24 15.22
CA LEU A 583 14.28 23.66 14.17
C LEU A 583 13.08 24.54 14.54
N LYS A 584 12.44 24.33 15.70
CA LYS A 584 11.29 25.16 16.14
C LYS A 584 11.63 26.62 16.06
N HIS A 585 12.92 26.89 16.20
CA HIS A 585 13.44 28.24 16.24
C HIS A 585 14.15 28.69 14.96
N SER A 586 14.27 27.78 13.99
CA SER A 586 15.00 28.01 12.73
C SER A 586 14.25 28.91 11.75
N SER A 587 15.00 29.69 10.99
CA SER A 587 14.35 30.54 9.97
C SER A 587 13.95 29.69 8.74
N LYS A 588 14.96 29.19 8.03
CA LYS A 588 14.76 28.45 6.79
C LYS A 588 13.89 27.14 6.95
N HIS A 589 13.61 26.68 8.18
CA HIS A 589 13.16 25.27 8.43
C HIS A 589 12.10 25.01 9.50
N GLU A 590 11.28 26.01 9.78
CA GLU A 590 10.28 25.83 10.80
C GLU A 590 9.33 24.63 10.53
N ARG A 591 8.90 24.47 9.29
CA ARG A 591 7.84 23.51 8.99
C ARG A 591 8.36 22.12 9.29
N LEU A 592 9.59 21.86 8.89
CA LEU A 592 10.24 20.62 9.25
C LEU A 592 10.08 20.34 10.77
N TYR A 593 10.35 21.32 11.63
CA TYR A 593 10.03 21.13 13.04
C TYR A 593 8.66 20.53 13.28
N TYR A 594 7.64 21.09 12.65
CA TYR A 594 6.31 20.62 13.01
C TYR A 594 5.95 19.25 12.43
N TYR A 595 6.54 18.90 11.29
CA TYR A 595 6.52 17.54 10.81
C TYR A 595 7.08 16.59 11.87
N LEU A 596 8.30 16.88 12.31
CA LEU A 596 8.96 15.94 13.18
C LEU A 596 8.24 15.89 14.53
N LYS A 597 7.71 17.03 14.95
CA LYS A 597 6.99 17.04 16.20
C LYS A 597 5.69 16.25 16.10
N LEU A 598 4.97 16.40 14.98
CA LEU A 598 3.78 15.58 14.71
C LEU A 598 4.21 14.12 14.82
N ILE A 599 5.40 13.84 14.28
CA ILE A 599 5.84 12.45 14.21
C ILE A 599 6.13 11.96 15.61
N SER A 600 7.00 12.68 16.30
CA SER A 600 7.31 12.40 17.69
C SER A 600 6.08 12.22 18.56
N ASP A 601 5.20 13.22 18.55
CA ASP A 601 4.04 13.23 19.44
C ASP A 601 3.06 12.12 19.21
N ARG A 602 2.96 11.60 17.99
CA ARG A 602 2.16 10.39 17.78
C ARG A 602 2.84 9.08 18.25
N ALA A 603 4.18 8.98 18.04
CA ALA A 603 5.02 7.83 18.47
C ALA A 603 5.01 7.74 19.97
N SER A 604 5.08 8.87 20.65
CA SER A 604 4.99 8.78 22.08
C SER A 604 3.54 8.73 22.61
N GLY A 605 2.54 8.49 21.76
CA GLY A 605 1.14 8.50 22.24
C GLY A 605 0.50 9.79 22.77
N GLU A 606 1.19 10.92 22.74
CA GLU A 606 0.55 12.17 23.07
C GLU A 606 -0.60 12.54 22.08
N LEU A 607 -0.35 12.46 20.77
CA LEU A 607 -1.37 12.72 19.77
C LEU A 607 -1.81 11.42 19.14
N PRO A 608 -3.09 11.29 18.82
CA PRO A 608 -3.60 10.03 18.36
C PRO A 608 -3.31 9.67 16.89
N THR A 609 -3.51 8.41 16.57
CA THR A 609 -3.38 8.01 15.17
C THR A 609 -4.74 8.32 14.51
N THR A 610 -4.76 8.27 13.20
CA THR A 610 -5.99 8.48 12.51
C THR A 610 -6.93 7.34 12.96
N ALA A 611 -6.35 6.12 13.00
CA ALA A 611 -7.10 4.94 13.44
C ALA A 611 -7.77 5.18 14.81
N LYS A 612 -7.00 5.72 15.77
CA LYS A 612 -7.50 6.01 17.10
C LYS A 612 -8.64 6.99 17.00
N PHE A 613 -8.36 8.09 16.30
CA PHE A 613 -9.29 9.18 16.21
C PHE A 613 -10.65 8.71 15.60
N PHE A 614 -10.59 7.94 14.51
CA PHE A 614 -11.82 7.38 13.96
C PHE A 614 -12.52 6.44 14.95
N ARG A 615 -11.74 5.72 15.76
CA ARG A 615 -12.32 4.77 16.71
C ARG A 615 -13.05 5.60 17.76
N ASN A 616 -12.32 6.49 18.45
CA ASN A 616 -12.96 7.33 19.41
C ASN A 616 -14.25 7.88 18.81
N PHE A 617 -14.13 8.47 17.62
CA PHE A 617 -15.27 9.07 16.99
C PHE A 617 -16.46 8.09 16.93
N VAL A 618 -16.27 6.92 16.34
CA VAL A 618 -17.37 5.95 16.32
C VAL A 618 -17.94 5.62 17.72
N LEU A 619 -17.04 5.34 18.65
CA LEU A 619 -17.39 4.94 19.99
C LEU A 619 -18.25 5.97 20.76
N GLN A 620 -17.97 7.27 20.57
CA GLN A 620 -18.76 8.30 21.26
C GLN A 620 -19.86 9.03 20.41
N HIS A 621 -20.14 8.46 19.25
CA HIS A 621 -21.21 9.01 18.46
C HIS A 621 -22.55 8.75 19.21
N PRO A 622 -23.45 9.77 19.31
CA PRO A 622 -24.79 9.59 19.90
C PRO A 622 -25.55 8.37 19.38
N ASP A 623 -25.48 8.09 18.06
CA ASP A 623 -26.19 6.92 17.48
C ASP A 623 -25.42 5.61 17.58
N TYR A 624 -24.25 5.65 18.23
CA TYR A 624 -23.51 4.40 18.40
C TYR A 624 -24.32 3.44 19.29
N LYS A 625 -24.49 2.19 18.85
CA LYS A 625 -25.31 1.21 19.62
C LYS A 625 -24.55 0.16 20.49
N HIS A 626 -23.24 0.35 20.71
CA HIS A 626 -22.45 -0.52 21.59
C HIS A 626 -22.31 -1.93 21.06
N ASP A 627 -22.44 -2.03 19.75
CA ASP A 627 -22.49 -3.31 19.07
C ASP A 627 -21.45 -3.38 17.91
N SER A 628 -20.53 -2.41 17.89
CA SER A 628 -19.50 -2.36 16.83
C SER A 628 -20.05 -1.98 15.43
N LYS A 629 -21.23 -1.39 15.39
CA LYS A 629 -21.83 -1.14 14.08
C LYS A 629 -21.64 0.31 13.62
N ILE A 630 -21.24 0.45 12.38
CA ILE A 630 -21.15 1.77 11.79
C ILE A 630 -22.36 1.94 10.88
N SER A 631 -23.25 2.84 11.26
CA SER A 631 -24.47 3.08 10.49
C SER A 631 -24.19 4.19 9.49
N LYS A 632 -24.90 4.18 8.38
CA LYS A 632 -24.92 5.34 7.50
C LYS A 632 -24.70 6.70 8.24
N SER A 633 -25.40 6.94 9.34
CA SER A 633 -25.25 8.20 10.07
C SER A 633 -23.89 8.42 10.67
N ILE A 634 -23.45 7.44 11.44
CA ILE A 634 -22.09 7.44 12.00
C ILE A 634 -21.07 7.65 10.85
N ASN A 635 -21.21 6.87 9.78
CA ASN A 635 -20.35 7.05 8.62
C ASN A 635 -20.37 8.47 8.07
N TYR A 636 -21.56 9.06 8.02
CA TYR A 636 -21.72 10.36 7.41
C TYR A 636 -21.03 11.42 8.25
N ASP A 637 -21.36 11.45 9.54
CA ASP A 637 -20.69 12.45 10.39
C ASP A 637 -19.18 12.29 10.43
N LEU A 638 -18.71 11.02 10.50
CA LEU A 638 -17.28 10.70 10.47
C LEU A 638 -16.59 11.26 9.24
N LEU A 639 -17.12 10.90 8.06
CA LEU A 639 -16.53 11.37 6.84
C LEU A 639 -16.70 12.89 6.73
N SER A 640 -17.71 13.43 7.39
CA SER A 640 -17.86 14.89 7.46
C SER A 640 -16.73 15.56 8.23
N THR A 641 -16.41 14.98 9.40
CA THR A 641 -15.26 15.43 10.13
C THR A 641 -14.00 15.31 9.27
N CYS A 642 -13.87 14.20 8.53
CA CYS A 642 -12.69 13.95 7.73
C CYS A 642 -12.55 15.02 6.71
N ASP A 643 -13.69 15.42 6.16
CA ASP A 643 -13.70 16.49 5.20
C ASP A 643 -13.23 17.79 5.78
N ARG A 644 -13.73 18.12 6.97
CA ARG A 644 -13.33 19.38 7.57
C ARG A 644 -11.85 19.32 7.94
N LEU A 645 -11.44 18.18 8.54
CA LEU A 645 -10.07 18.02 8.99
C LEU A 645 -9.15 18.18 7.82
N THR A 646 -9.44 17.43 6.74
CA THR A 646 -8.69 17.59 5.50
C THR A 646 -8.51 19.07 5.10
N HIS A 647 -9.47 19.90 5.50
CA HIS A 647 -9.40 21.29 5.02
C HIS A 647 -8.99 22.29 6.07
N LEU A 648 -8.51 21.80 7.22
CA LEU A 648 -8.04 22.65 8.28
C LEU A 648 -9.22 23.47 8.80
N ASP A 649 -10.40 22.86 8.80
CA ASP A 649 -11.54 23.59 9.26
C ASP A 649 -11.73 23.33 10.77
N ASP A 650 -11.22 24.24 11.60
CA ASP A 650 -11.35 24.08 13.05
C ASP A 650 -12.63 24.65 13.64
N SER A 651 -13.56 25.02 12.78
CA SER A 651 -14.82 25.57 13.27
C SER A 651 -15.52 24.69 14.33
N LYS A 652 -15.33 23.37 14.32
CA LYS A 652 -15.93 22.57 15.41
C LYS A 652 -14.86 22.06 16.40
N GLY A 653 -13.70 22.76 16.42
CA GLY A 653 -12.50 22.32 17.18
C GLY A 653 -12.00 20.89 16.93
N GLU A 654 -12.21 20.34 15.74
CA GLU A 654 -11.92 18.95 15.50
C GLU A 654 -10.47 18.83 15.08
N LEU A 655 -9.94 19.85 14.42
CA LEU A 655 -8.54 19.90 14.07
C LEU A 655 -7.73 20.09 15.34
N THR A 656 -8.18 20.97 16.22
CA THR A 656 -7.45 21.15 17.48
C THR A 656 -7.50 19.87 18.25
N SER A 657 -8.67 19.26 18.22
CA SER A 657 -8.76 18.01 18.90
C SER A 657 -7.87 16.88 18.30
N PHE A 658 -7.48 17.00 17.03
CA PHE A 658 -6.90 15.86 16.36
C PHE A 658 -5.41 16.06 16.21
N LEU A 659 -4.95 17.30 16.06
CA LEU A 659 -3.52 17.55 16.03
C LEU A 659 -3.00 18.27 17.25
N GLY A 660 -3.86 18.47 18.26
CA GLY A 660 -3.53 19.37 19.38
C GLY A 660 -3.38 20.86 19.04
N ALA A 661 -3.49 21.69 20.05
CA ALA A 661 -3.48 23.13 19.85
C ALA A 661 -2.27 23.55 19.09
N GLU A 662 -1.07 23.27 19.60
CA GLU A 662 0.09 23.89 19.01
C GLU A 662 0.16 23.70 17.50
N ILE A 663 -0.01 22.45 17.05
CA ILE A 663 0.15 22.13 15.63
C ILE A 663 -1.05 22.63 14.83
N ALA A 664 -2.26 22.33 15.29
CA ALA A 664 -3.44 22.88 14.67
C ALA A 664 -3.25 24.40 14.41
N GLU A 665 -2.93 25.20 15.42
CA GLU A 665 -2.68 26.62 15.21
C GLU A 665 -1.63 26.81 14.13
N TYR A 666 -0.59 26.01 14.24
CA TYR A 666 0.55 26.27 13.43
C TYR A 666 0.17 26.17 11.93
N VAL A 667 -0.54 25.11 11.54
CA VAL A 667 -0.85 24.84 10.13
C VAL A 667 -2.02 25.68 9.62
N LYS A 668 -2.88 26.10 10.55
CA LYS A 668 -4.01 26.94 10.24
C LYS A 668 -3.45 28.28 9.83
N LYS A 669 -2.37 28.67 10.49
CA LYS A 669 -1.72 29.95 10.26
C LYS A 669 -0.51 29.89 9.36
N ASN A 670 -0.19 28.73 8.80
CA ASN A 670 1.06 28.65 8.01
C ASN A 670 0.96 27.66 6.87
N LYS A 671 0.92 28.20 5.67
CA LYS A 671 0.81 27.40 4.46
C LYS A 671 2.23 27.06 4.08
N PRO A 672 2.43 25.92 3.41
CA PRO A 672 3.70 25.39 2.88
C PRO A 672 4.39 26.29 1.84
N SER A 673 5.73 26.32 1.87
CA SER A 673 6.67 27.09 0.94
C SER A 673 6.03 28.12 -0.03
#